data_2W1A
#
_entry.id   2W1A
#
_cell.length_a   205.910
_cell.length_b   205.910
_cell.length_c   67.240
_cell.angle_alpha   90.00
_cell.angle_beta   90.00
_cell.angle_gamma   120.00
#
_symmetry.space_group_name_H-M   'P 32 2 1'
#
loop_
_entity.id
_entity.type
_entity.pdbx_description
1 polymer '3-DEOXY-D-ARABINO-HEPTULOSONATE 7-PHOSPHATE SYNTHASE AROG'
2 polymer 'CHORISMATE MUTASE'
3 non-polymer 'MANGANESE (II) ION'
4 non-polymer 'SULFATE ION'
5 non-polymer 'O-DODECANYL OCTAETHYLENE GLYCOL'
6 non-polymer 'TETRAETHYLENE GLYCOL'
7 non-polymer GLYCEROL
8 non-polymer '8-HYDROXY-2-OXA-BICYCLO[3.3.1]NON-6-ENE-3,5-DICARBOXYLIC ACID'
9 water water
#
loop_
_entity_poly.entity_id
_entity_poly.type
_entity_poly.pdbx_seq_one_letter_code
_entity_poly.pdbx_strand_id
1 'polypeptide(L)'
;MHHHHHHSSGMNWTVDIPIDQLPSLPPLPTDLRTRLDAALAKPAAQQPTWPADQALAMRTVLESVPPVTVPSEIVRLQEQ
LAQVAKGEAFLLQGGDCAETFMDNTEPHIRGNVRALLQMAVVLTYGASMPVVKVARIAGQYAKPRSADIDALGLRSYRGD
MINGFAPDAAAREHDPSRLVRAYANASAAMNLVRALTSSGLASLHLVHDWNREFVRTSPAGARYEALATEIDRGLRFMSA
CGVADRNLQTAEIYASHEALVLDYERAMLRLSDGDDGEPQLFDLSAHTVWIGERTRQIDGAHIAFAQVIANPVGVKLGPN
MTPELAVEYVERLDPHNKPGRLTLVSRMGNHKVRDLLPPIVEKVQATGHQVIWQCDPMHGNTHESSTGFKTRHFDRIVDE
VQGFFEVHRALGTHPGGIHVEITGENVTECLGGAQDISETDLAGRYETACDPRLNTQQSLELAFLVAEMLRD
;
A,B
2 'polypeptide(L)'
;MNLEMLESQPVPEIDTLREEIDRLDAEILALVKRRAEVSKAIGKARMASGGTRLVHSREMKVIERYSELGPDGKDLAILL
LRLGRGRLGH
;
C,D
#
loop_
_chem_comp.id
_chem_comp.type
_chem_comp.name
_chem_comp.formula
CE1 non-polymer 'O-DODECANYL OCTAETHYLENE GLYCOL' 'C28 H58 O9'
GOL non-polymer GLYCEROL 'C3 H8 O3'
MN non-polymer 'MANGANESE (II) ION' 'Mn 2'
PG4 non-polymer 'TETRAETHYLENE GLYCOL' 'C8 H18 O5'
SO4 non-polymer 'SULFATE ION' 'O4 S -2'
TSA non-polymer '8-HYDROXY-2-OXA-BICYCLO[3.3.1]NON-6-ENE-3,5-DICARBOXYLIC ACID' 'C10 H12 O6'
#
# COMPACT_ATOMS: atom_id res chain seq x y z
N TRP A 13 -6.02 24.96 -20.71
CA TRP A 13 -4.62 24.61 -20.29
C TRP A 13 -4.60 23.87 -18.94
N THR A 14 -5.15 24.50 -17.89
CA THR A 14 -5.09 23.93 -16.54
C THR A 14 -6.45 23.90 -15.84
N VAL A 15 -6.61 22.98 -14.89
CA VAL A 15 -7.78 22.93 -14.02
C VAL A 15 -7.43 23.28 -12.56
N ASP A 16 -8.33 24.01 -11.91
CA ASP A 16 -8.16 24.39 -10.51
C ASP A 16 -8.93 23.43 -9.60
N ILE A 17 -8.20 22.72 -8.75
CA ILE A 17 -8.80 21.78 -7.81
C ILE A 17 -8.75 22.38 -6.40
N PRO A 18 -9.93 22.71 -5.83
CA PRO A 18 -10.03 23.18 -4.45
C PRO A 18 -9.38 22.27 -3.42
N ILE A 19 -8.63 22.88 -2.51
CA ILE A 19 -8.06 22.19 -1.37
C ILE A 19 -9.09 22.30 -0.26
N ASP A 20 -9.70 21.17 0.09
CA ASP A 20 -10.70 21.16 1.15
C ASP A 20 -10.05 21.56 2.48
N GLN A 21 -10.61 22.58 3.12
CA GLN A 21 -10.17 23.00 4.45
C GLN A 21 -10.94 22.21 5.51
N LEU A 22 -10.24 21.33 6.20
CA LEU A 22 -10.87 20.32 7.05
C LEU A 22 -10.46 20.45 8.53
N PRO A 23 -11.23 19.83 9.44
CA PRO A 23 -11.02 20.07 10.86
C PRO A 23 -9.74 19.45 11.39
N SER A 24 -9.06 20.18 12.28
CA SER A 24 -7.79 19.75 12.84
C SER A 24 -7.97 18.59 13.83
N LEU A 25 -6.91 17.79 13.96
CA LEU A 25 -6.85 16.75 14.97
C LEU A 25 -6.17 17.38 16.18
N PRO A 26 -6.08 16.64 17.31
CA PRO A 26 -5.31 17.20 18.43
C PRO A 26 -3.88 17.63 18.05
N PRO A 27 -3.38 18.71 18.68
CA PRO A 27 -2.00 19.14 18.40
C PRO A 27 -0.97 18.17 18.97
N LEU A 28 0.26 18.22 18.45
CA LEU A 28 1.36 17.43 18.99
C LEU A 28 1.59 17.84 20.46
N PRO A 29 2.18 16.94 21.27
CA PRO A 29 2.34 17.30 22.70
C PRO A 29 3.15 18.60 22.89
N THR A 30 2.82 19.37 23.92
CA THR A 30 3.45 20.67 24.17
C THR A 30 4.97 20.59 24.39
N ASP A 31 5.44 19.58 25.11
CA ASP A 31 6.86 19.43 25.36
C ASP A 31 7.66 19.16 24.09
N LEU A 32 7.16 18.29 23.22
CA LEU A 32 7.84 18.01 21.94
C LEU A 32 7.81 19.21 20.98
N ARG A 33 6.72 19.97 21.00
CA ARG A 33 6.60 21.19 20.19
C ARG A 33 7.54 22.31 20.61
N THR A 34 7.73 22.48 21.91
CA THR A 34 8.71 23.41 22.45
C THR A 34 10.11 23.09 21.95
N ARG A 35 10.46 21.82 21.93
CA ARG A 35 11.76 21.37 21.44
C ARG A 35 11.89 21.52 19.92
N LEU A 36 10.82 21.25 19.18
CA LEU A 36 10.80 21.49 17.75
C LEU A 36 10.97 22.98 17.43
N ASP A 37 10.32 23.84 18.23
CA ASP A 37 10.44 25.31 18.08
C ASP A 37 11.88 25.82 18.27
N ALA A 38 12.55 25.34 19.32
CA ALA A 38 13.96 25.68 19.54
C ALA A 38 14.84 25.29 18.35
N ALA A 39 14.56 24.11 17.79
CA ALA A 39 15.32 23.57 16.67
C ALA A 39 15.11 24.36 15.37
N LEU A 40 13.86 24.66 15.04
CA LEU A 40 13.56 25.36 13.80
C LEU A 40 13.76 26.87 13.88
N ALA A 41 14.15 27.37 15.06
CA ALA A 41 14.64 28.75 15.20
C ALA A 41 16.02 28.94 14.59
N LYS A 42 16.73 27.85 14.30
CA LYS A 42 18.06 27.95 13.69
C LYS A 42 17.94 28.31 12.21
N PRO A 43 18.98 28.96 11.65
CA PRO A 43 18.87 29.33 10.23
C PRO A 43 18.77 28.13 9.29
N ALA A 44 17.87 28.23 8.32
CA ALA A 44 17.66 27.18 7.31
C ALA A 44 18.06 27.70 5.94
N ALA A 45 18.98 26.98 5.27
CA ALA A 45 19.40 27.34 3.92
C ALA A 45 18.38 26.84 2.87
N GLN A 46 18.32 27.55 1.74
CA GLN A 46 17.66 27.02 0.53
C GLN A 46 16.15 26.86 0.63
N GLN A 47 15.48 27.69 1.42
CA GLN A 47 14.04 27.52 1.64
C GLN A 47 13.22 28.31 0.62
N PRO A 48 12.01 27.82 0.30
CA PRO A 48 11.11 28.60 -0.53
C PRO A 48 10.82 29.99 0.06
N THR A 49 10.48 30.94 -0.80
CA THR A 49 10.29 32.33 -0.41
C THR A 49 8.82 32.72 -0.47
N TRP A 50 7.93 31.73 -0.51
CA TRP A 50 6.49 32.00 -0.36
C TRP A 50 6.18 32.61 1.02
N PRO A 51 5.08 33.38 1.12
CA PRO A 51 4.67 34.01 2.39
C PRO A 51 4.37 33.02 3.51
N ALA A 52 4.68 33.43 4.74
CA ALA A 52 4.58 32.61 5.93
C ALA A 52 3.13 32.21 6.26
N ASP A 53 2.18 33.10 6.00
CA ASP A 53 0.78 32.82 6.30
C ASP A 53 0.16 31.80 5.32
N GLN A 54 0.64 31.84 4.08
CA GLN A 54 0.26 30.84 3.07
C GLN A 54 0.90 29.48 3.39
N ALA A 55 2.18 29.49 3.73
CA ALA A 55 2.86 28.29 4.21
C ALA A 55 2.13 27.66 5.39
N LEU A 56 1.74 28.48 6.36
CA LEU A 56 1.01 28.01 7.56
C LEU A 56 -0.33 27.37 7.18
N ALA A 57 -1.04 27.98 6.23
CA ALA A 57 -2.33 27.44 5.77
C ALA A 57 -2.18 26.03 5.17
N MET A 58 -1.13 25.83 4.37
CA MET A 58 -0.85 24.53 3.76
C MET A 58 -0.31 23.48 4.75
N ARG A 59 0.53 23.91 5.70
CA ARG A 59 0.93 23.01 6.80
C ARG A 59 -0.26 22.48 7.59
N THR A 60 -1.21 23.36 7.89
CA THR A 60 -2.42 22.99 8.62
C THR A 60 -3.23 21.89 7.91
N VAL A 61 -3.30 21.96 6.58
CA VAL A 61 -3.95 20.92 5.78
C VAL A 61 -3.20 19.60 5.93
N LEU A 62 -1.88 19.65 5.75
CA LEU A 62 -1.03 18.45 5.82
C LEU A 62 -0.94 17.80 7.20
N GLU A 63 -1.13 18.59 8.26
CA GLU A 63 -1.12 18.08 9.64
C GLU A 63 -2.19 17.05 9.94
N SER A 64 -3.29 17.03 9.18
CA SER A 64 -4.37 16.07 9.42
C SER A 64 -4.56 14.99 8.35
N VAL A 65 -3.76 14.99 7.28
CA VAL A 65 -3.91 13.97 6.23
C VAL A 65 -3.34 12.61 6.66
N PRO A 66 -3.81 11.50 6.04
CA PRO A 66 -3.19 10.19 6.26
C PRO A 66 -1.71 10.17 5.92
N PRO A 67 -0.90 9.51 6.74
CA PRO A 67 0.52 9.57 6.53
C PRO A 67 0.96 8.73 5.31
N VAL A 68 2.13 9.04 4.76
CA VAL A 68 2.70 8.27 3.65
C VAL A 68 3.28 6.95 4.16
N THR A 69 3.84 6.97 5.37
CA THR A 69 4.40 5.79 6.06
C THR A 69 3.84 5.69 7.48
N VAL A 70 4.07 4.56 8.14
CA VAL A 70 3.66 4.36 9.53
C VAL A 70 4.89 4.05 10.39
N PRO A 71 4.83 4.37 11.71
CA PRO A 71 5.98 4.18 12.60
C PRO A 71 6.56 2.76 12.65
N SER A 72 5.70 1.75 12.68
CA SER A 72 6.14 0.36 12.76
C SER A 72 7.05 -0.03 11.58
N GLU A 73 6.79 0.55 10.40
CA GLU A 73 7.66 0.35 9.24
C GLU A 73 9.06 0.98 9.41
N ILE A 74 9.09 2.13 10.06
CA ILE A 74 10.31 2.87 10.33
C ILE A 74 11.17 2.15 11.39
N VAL A 75 10.56 1.63 12.46
CA VAL A 75 11.34 0.82 13.41
C VAL A 75 11.81 -0.53 12.81
N ARG A 76 11.06 -1.08 11.85
CA ARG A 76 11.55 -2.24 11.10
C ARG A 76 12.77 -1.88 10.23
N LEU A 77 12.72 -0.76 9.54
CA LEU A 77 13.88 -0.27 8.77
C LEU A 77 15.12 -0.05 9.66
N GLN A 78 14.93 0.55 10.83
CA GLN A 78 16.04 0.75 11.78
C GLN A 78 16.72 -0.58 12.17
N GLU A 79 15.93 -1.63 12.37
CA GLU A 79 16.44 -2.98 12.67
C GLU A 79 17.28 -3.57 11.53
N GLN A 80 16.84 -3.36 10.30
CA GLN A 80 17.56 -3.84 9.12
C GLN A 80 18.78 -2.99 8.79
N LEU A 81 18.67 -1.69 9.03
CA LEU A 81 19.82 -0.80 8.94
C LEU A 81 20.86 -1.09 10.04
N ALA A 82 20.41 -1.51 11.21
CA ALA A 82 21.33 -1.98 12.26
C ALA A 82 22.17 -3.17 11.78
N GLN A 83 21.54 -4.07 11.03
CA GLN A 83 22.24 -5.23 10.44
C GLN A 83 23.25 -4.78 9.41
N VAL A 84 22.91 -3.77 8.61
CA VAL A 84 23.85 -3.22 7.62
C VAL A 84 25.09 -2.65 8.32
N ALA A 85 24.89 -1.79 9.33
CA ALA A 85 26.00 -1.16 10.08
C ALA A 85 26.95 -2.20 10.70
N LYS A 86 26.40 -3.34 11.13
CA LYS A 86 27.18 -4.40 11.73
C LYS A 86 27.89 -5.33 10.72
N GLY A 87 27.68 -5.08 9.43
CA GLY A 87 28.36 -5.84 8.37
C GLY A 87 27.62 -7.08 7.91
N GLU A 88 26.34 -7.16 8.24
CA GLU A 88 25.52 -8.35 8.04
C GLU A 88 24.43 -8.19 6.98
N ALA A 89 24.34 -6.99 6.39
CA ALA A 89 23.42 -6.71 5.28
C ALA A 89 24.02 -5.60 4.40
N PHE A 90 23.42 -5.37 3.24
CA PHE A 90 23.93 -4.36 2.29
C PHE A 90 22.77 -3.43 1.91
N LEU A 91 23.03 -2.12 1.82
CA LEU A 91 22.01 -1.11 1.49
C LEU A 91 22.05 -0.70 0.02
N LEU A 92 20.92 -0.87 -0.67
CA LEU A 92 20.71 -0.37 -2.04
C LEU A 92 19.68 0.75 -2.01
N GLN A 93 20.13 1.94 -2.39
CA GLN A 93 19.28 3.12 -2.48
C GLN A 93 19.39 3.69 -3.87
N GLY A 94 18.25 3.91 -4.53
CA GLY A 94 18.23 4.37 -5.89
C GLY A 94 16.85 4.79 -6.41
N GLY A 95 16.87 5.60 -7.47
CA GLY A 95 15.65 6.11 -8.08
C GLY A 95 15.97 7.38 -8.85
N ASP A 96 14.93 8.10 -9.26
CA ASP A 96 15.10 9.37 -10.01
C ASP A 96 15.89 10.39 -9.21
N CYS A 97 16.68 11.21 -9.89
CA CYS A 97 17.27 12.39 -9.27
C CYS A 97 16.16 13.30 -8.78
N ALA A 98 15.29 13.71 -9.71
CA ALA A 98 14.13 14.54 -9.42
C ALA A 98 12.84 13.84 -9.88
N GLU A 99 11.95 13.51 -8.95
CA GLU A 99 10.62 13.05 -9.33
C GLU A 99 9.84 14.25 -9.87
N THR A 100 9.08 14.03 -10.94
CA THR A 100 8.14 15.05 -11.39
C THR A 100 6.71 14.54 -11.25
N PHE A 101 5.78 15.47 -11.09
CA PHE A 101 4.35 15.12 -11.07
C PHE A 101 3.89 14.53 -12.44
N MET A 102 4.46 15.01 -13.53
CA MET A 102 4.08 14.60 -14.87
C MET A 102 4.49 13.16 -15.17
N ASP A 103 5.61 12.73 -14.61
CA ASP A 103 6.10 11.36 -14.78
C ASP A 103 5.77 10.43 -13.60
N ASN A 104 4.92 10.90 -12.68
CA ASN A 104 4.47 10.10 -11.57
C ASN A 104 3.33 9.22 -12.04
N THR A 105 3.66 8.28 -12.94
CA THR A 105 2.70 7.43 -13.59
C THR A 105 2.98 5.97 -13.29
N GLU A 106 2.01 5.09 -13.56
CA GLU A 106 2.19 3.66 -13.33
C GLU A 106 3.42 3.09 -14.06
N PRO A 107 3.53 3.32 -15.38
CA PRO A 107 4.68 2.73 -16.09
C PRO A 107 6.05 3.17 -15.55
N HIS A 108 6.18 4.45 -15.19
CA HIS A 108 7.44 4.99 -14.72
C HIS A 108 7.80 4.44 -13.34
N ILE A 109 6.82 4.46 -12.44
CA ILE A 109 6.99 3.89 -11.09
C ILE A 109 7.28 2.38 -11.13
N ARG A 110 6.54 1.65 -11.98
CA ARG A 110 6.76 0.22 -12.14
C ARG A 110 8.16 -0.08 -12.72
N GLY A 111 8.62 0.74 -13.65
CA GLY A 111 9.98 0.60 -14.19
C GLY A 111 11.08 0.81 -13.15
N ASN A 112 10.87 1.75 -12.23
CA ASN A 112 11.85 2.00 -11.17
C ASN A 112 11.85 0.95 -10.08
N VAL A 113 10.66 0.48 -9.69
CA VAL A 113 10.55 -0.59 -8.70
C VAL A 113 11.17 -1.87 -9.26
N ARG A 114 10.86 -2.19 -10.51
CA ARG A 114 11.42 -3.37 -11.15
C ARG A 114 12.97 -3.30 -11.23
N ALA A 115 13.49 -2.15 -11.62
CA ALA A 115 14.95 -1.94 -11.71
C ALA A 115 15.61 -2.18 -10.36
N LEU A 116 15.03 -1.63 -9.30
CA LEU A 116 15.55 -1.84 -7.95
C LEU A 116 15.55 -3.31 -7.54
N LEU A 117 14.44 -4.01 -7.83
CA LEU A 117 14.33 -5.44 -7.52
C LEU A 117 15.33 -6.28 -8.32
N GLN A 118 15.53 -5.93 -9.60
CA GLN A 118 16.54 -6.56 -10.48
C GLN A 118 17.99 -6.41 -9.98
N MET A 119 18.36 -5.18 -9.60
CA MET A 119 19.67 -4.92 -9.02
C MET A 119 19.85 -5.66 -7.70
N ALA A 120 18.82 -5.65 -6.86
CA ALA A 120 18.90 -6.25 -5.51
C ALA A 120 19.14 -7.76 -5.49
N VAL A 121 18.56 -8.49 -6.44
CA VAL A 121 18.76 -9.95 -6.49
C VAL A 121 20.22 -10.31 -6.88
N VAL A 122 20.77 -9.53 -7.81
CA VAL A 122 22.17 -9.69 -8.24
C VAL A 122 23.15 -9.31 -7.12
N LEU A 123 22.89 -8.19 -6.43
CA LEU A 123 23.67 -7.77 -5.27
C LEU A 123 23.55 -8.73 -4.07
N THR A 124 22.37 -9.32 -3.89
CA THR A 124 22.16 -10.30 -2.83
C THR A 124 23.07 -11.52 -3.02
N TYR A 125 23.12 -12.02 -4.25
CA TYR A 125 23.94 -13.19 -4.58
C TYR A 125 25.44 -12.93 -4.43
N GLY A 126 25.88 -11.76 -4.90
CA GLY A 126 27.26 -11.36 -4.81
C GLY A 126 27.71 -11.04 -3.40
N ALA A 127 26.85 -10.39 -2.62
CA ALA A 127 27.17 -10.05 -1.22
C ALA A 127 27.03 -11.25 -0.26
N SER A 128 26.16 -12.19 -0.60
CA SER A 128 25.84 -13.35 0.24
C SER A 128 25.18 -12.96 1.57
N MET A 129 24.31 -11.94 1.51
CA MET A 129 23.61 -11.43 2.68
C MET A 129 22.44 -10.56 2.21
N PRO A 130 21.43 -10.35 3.08
CA PRO A 130 20.25 -9.62 2.61
C PRO A 130 20.56 -8.20 2.14
N VAL A 131 19.79 -7.72 1.17
CA VAL A 131 19.92 -6.37 0.64
C VAL A 131 18.66 -5.58 1.01
N VAL A 132 18.88 -4.44 1.66
CA VAL A 132 17.82 -3.52 2.04
C VAL A 132 17.59 -2.55 0.88
N LYS A 133 16.32 -2.43 0.44
CA LYS A 133 15.97 -1.64 -0.74
C LYS A 133 15.25 -0.35 -0.33
N VAL A 134 15.91 0.80 -0.56
CA VAL A 134 15.29 2.11 -0.31
C VAL A 134 15.19 2.88 -1.63
N ALA A 135 13.95 3.17 -2.07
CA ALA A 135 13.74 3.96 -3.27
C ALA A 135 13.83 5.48 -3.01
N ARG A 136 14.47 6.20 -3.93
CA ARG A 136 14.26 7.63 -4.08
C ARG A 136 12.90 7.78 -4.77
N ILE A 137 11.85 7.93 -3.97
CA ILE A 137 10.51 7.91 -4.52
C ILE A 137 9.54 8.51 -3.51
N ALA A 138 8.36 8.89 -3.99
CA ALA A 138 7.24 9.34 -3.16
C ALA A 138 7.59 10.57 -2.30
N GLY A 139 8.33 11.51 -2.86
CA GLY A 139 8.67 12.74 -2.13
C GLY A 139 9.92 13.52 -2.54
N GLN A 140 10.65 13.01 -3.53
CA GLN A 140 11.88 13.65 -4.02
C GLN A 140 11.54 14.76 -5.02
N TYR A 141 10.95 15.82 -4.48
CA TYR A 141 10.27 16.86 -5.24
C TYR A 141 10.83 18.26 -4.99
N ALA A 142 12.00 18.34 -4.37
CA ALA A 142 12.62 19.60 -4.02
C ALA A 142 14.14 19.47 -4.09
N LYS A 143 14.79 20.55 -4.52
CA LYS A 143 16.22 20.58 -4.65
C LYS A 143 16.74 21.99 -4.40
N PRO A 144 18.01 22.10 -3.97
CA PRO A 144 18.67 23.39 -3.87
C PRO A 144 19.13 23.90 -5.24
N ARG A 145 19.48 25.17 -5.31
CA ARG A 145 20.19 25.69 -6.47
C ARG A 145 21.20 26.72 -6.00
N SER A 146 22.44 26.56 -6.47
CA SER A 146 23.50 27.56 -6.24
C SER A 146 23.19 28.89 -6.93
N ALA A 147 22.62 28.80 -8.13
CA ALA A 147 22.34 29.94 -9.00
C ALA A 147 21.08 30.70 -8.58
N ASP A 148 21.22 32.01 -8.40
CA ASP A 148 20.07 32.93 -8.24
C ASP A 148 19.17 32.86 -9.47
N ILE A 149 19.82 33.04 -10.62
CA ILE A 149 19.18 33.21 -11.90
C ILE A 149 19.78 32.18 -12.86
N ASP A 150 18.95 31.42 -13.55
CA ASP A 150 19.45 30.43 -14.49
C ASP A 150 19.89 31.05 -15.83
N ALA A 151 20.31 30.20 -16.76
CA ALA A 151 20.88 30.62 -18.04
C ALA A 151 19.86 31.29 -18.97
N LEU A 152 18.58 31.13 -18.67
CA LEU A 152 17.51 31.75 -19.46
C LEU A 152 17.07 33.06 -18.84
N GLY A 153 17.67 33.44 -17.71
CA GLY A 153 17.40 34.71 -17.04
C GLY A 153 16.24 34.63 -16.08
N LEU A 154 15.84 33.41 -15.72
CA LEU A 154 14.70 33.17 -14.83
C LEU A 154 15.14 32.73 -13.44
N ARG A 155 14.25 32.89 -12.48
CA ARG A 155 14.42 32.24 -11.18
C ARG A 155 14.55 30.76 -11.42
N SER A 156 15.43 30.11 -10.66
CA SER A 156 15.75 28.72 -10.86
C SER A 156 14.59 27.78 -10.56
N TYR A 157 14.55 26.66 -11.27
CA TYR A 157 13.67 25.54 -10.93
C TYR A 157 14.19 24.89 -9.65
N ARG A 158 13.27 24.66 -8.71
CA ARG A 158 13.58 24.18 -7.37
C ARG A 158 12.93 22.83 -7.07
N GLY A 159 12.41 22.19 -8.11
CA GLY A 159 11.65 20.96 -7.95
C GLY A 159 10.17 21.25 -7.82
N ASP A 160 9.38 20.22 -8.08
CA ASP A 160 7.93 20.34 -8.23
C ASP A 160 7.16 20.71 -6.95
N MET A 161 7.77 20.50 -5.79
CA MET A 161 7.17 20.89 -4.53
C MET A 161 7.22 22.42 -4.34
N ILE A 162 8.04 23.10 -5.14
CA ILE A 162 8.30 24.54 -4.99
C ILE A 162 7.82 25.36 -6.20
N ASN A 163 8.20 24.95 -7.41
CA ASN A 163 7.80 25.67 -8.60
C ASN A 163 7.80 24.76 -9.84
N GLY A 164 7.55 25.33 -11.02
CA GLY A 164 7.48 24.55 -12.26
C GLY A 164 8.74 24.55 -13.12
N PHE A 165 8.97 23.43 -13.79
CA PHE A 165 10.12 23.21 -14.68
C PHE A 165 10.05 24.05 -15.94
N ALA A 166 8.83 24.32 -16.41
CA ALA A 166 8.63 25.11 -17.63
C ALA A 166 9.36 26.44 -17.51
N PRO A 167 10.09 26.84 -18.57
CA PRO A 167 10.85 28.08 -18.54
C PRO A 167 10.01 29.31 -18.82
N ASP A 168 9.18 29.69 -17.86
CA ASP A 168 8.50 30.97 -17.90
C ASP A 168 8.30 31.51 -16.50
N ALA A 169 8.17 32.84 -16.40
CA ALA A 169 8.14 33.53 -15.11
C ALA A 169 7.04 33.03 -14.18
N ALA A 170 5.83 32.90 -14.72
CA ALA A 170 4.66 32.49 -13.92
C ALA A 170 4.89 31.11 -13.28
N ALA A 171 5.38 30.16 -14.08
CA ALA A 171 5.67 28.81 -13.60
C ALA A 171 6.73 28.77 -12.49
N ARG A 172 7.66 29.74 -12.48
CA ARG A 172 8.82 29.69 -11.59
C ARG A 172 8.61 30.31 -10.22
N GLU A 173 7.48 30.98 -10.03
CA GLU A 173 7.17 31.55 -8.74
C GLU A 173 6.86 30.45 -7.73
N HIS A 174 7.26 30.69 -6.50
CA HIS A 174 7.14 29.71 -5.44
C HIS A 174 5.67 29.65 -5.00
N ASP A 175 5.09 28.45 -5.11
CA ASP A 175 3.64 28.26 -4.97
C ASP A 175 3.40 27.26 -3.84
N PRO A 176 2.93 27.75 -2.68
CA PRO A 176 2.76 26.86 -1.53
C PRO A 176 1.69 25.78 -1.71
N SER A 177 0.79 25.94 -2.70
CA SER A 177 -0.22 24.91 -2.99
C SER A 177 0.45 23.62 -3.49
N ARG A 178 1.67 23.75 -3.99
CA ARG A 178 2.49 22.61 -4.38
C ARG A 178 2.94 21.72 -3.21
N LEU A 179 2.89 22.22 -1.98
CA LEU A 179 3.06 21.36 -0.81
C LEU A 179 1.99 20.24 -0.78
N VAL A 180 0.74 20.62 -1.01
CA VAL A 180 -0.39 19.69 -0.98
C VAL A 180 -0.41 18.77 -2.20
N ARG A 181 -0.03 19.32 -3.34
CA ARG A 181 0.07 18.56 -4.57
C ARG A 181 1.20 17.53 -4.50
N ALA A 182 2.27 17.87 -3.79
CA ALA A 182 3.38 16.95 -3.52
C ALA A 182 2.92 15.79 -2.63
N TYR A 183 2.14 16.09 -1.59
CA TYR A 183 1.59 15.05 -0.73
C TYR A 183 0.69 14.06 -1.50
N ALA A 184 -0.27 14.57 -2.27
CA ALA A 184 -1.16 13.75 -3.13
C ALA A 184 -0.37 12.80 -4.05
N ASN A 185 0.63 13.34 -4.74
CA ASN A 185 1.50 12.55 -5.61
C ASN A 185 2.33 11.51 -4.86
N ALA A 186 2.84 11.88 -3.69
CA ALA A 186 3.59 10.98 -2.81
C ALA A 186 2.72 9.82 -2.30
N SER A 187 1.53 10.16 -1.84
CA SER A 187 0.55 9.17 -1.39
C SER A 187 0.16 8.18 -2.47
N ALA A 188 -0.08 8.68 -3.69
CA ALA A 188 -0.52 7.85 -4.81
C ALA A 188 0.59 6.94 -5.27
N ALA A 189 1.81 7.48 -5.33
CA ALA A 189 3.00 6.71 -5.67
C ALA A 189 3.27 5.61 -4.65
N MET A 190 3.25 5.96 -3.36
CA MET A 190 3.50 4.98 -2.32
C MET A 190 2.50 3.82 -2.35
N ASN A 191 1.23 4.17 -2.51
CA ASN A 191 0.18 3.17 -2.69
C ASN A 191 0.52 2.15 -3.78
N LEU A 192 0.96 2.62 -4.93
CA LEU A 192 1.40 1.76 -6.03
C LEU A 192 2.64 0.94 -5.69
N VAL A 193 3.62 1.54 -5.02
CA VAL A 193 4.82 0.79 -4.60
C VAL A 193 4.43 -0.38 -3.67
N ARG A 194 3.52 -0.13 -2.75
CA ARG A 194 3.07 -1.18 -1.83
C ARG A 194 2.38 -2.32 -2.57
N ALA A 195 1.48 -1.97 -3.50
CA ALA A 195 0.80 -2.95 -4.35
C ALA A 195 1.76 -3.76 -5.21
N LEU A 196 2.77 -3.10 -5.78
CA LEU A 196 3.73 -3.76 -6.67
C LEU A 196 4.65 -4.71 -5.94
N THR A 197 4.99 -4.38 -4.69
CA THR A 197 5.92 -5.25 -3.94
C THR A 197 5.26 -6.48 -3.33
N SER A 198 3.93 -6.51 -3.28
CA SER A 198 3.21 -7.72 -2.92
C SER A 198 2.54 -8.38 -4.16
N SER A 199 3.03 -8.05 -5.36
CA SER A 199 2.50 -8.57 -6.61
C SER A 199 3.48 -9.58 -7.23
N GLY A 200 3.27 -9.88 -8.51
CA GLY A 200 4.13 -10.82 -9.23
C GLY A 200 5.60 -10.46 -9.29
N LEU A 201 5.90 -9.16 -9.18
CA LEU A 201 7.29 -8.67 -9.07
C LEU A 201 8.03 -9.24 -7.84
N ALA A 202 7.28 -9.63 -6.81
CA ALA A 202 7.86 -10.31 -5.64
C ALA A 202 8.66 -11.56 -6.02
N SER A 203 8.27 -12.23 -7.10
CA SER A 203 8.95 -13.46 -7.53
C SER A 203 10.40 -13.20 -7.93
N LEU A 204 11.32 -13.75 -7.13
CA LEU A 204 12.75 -13.76 -7.42
C LEU A 204 13.09 -14.31 -8.81
N HIS A 205 12.41 -15.38 -9.23
CA HIS A 205 12.63 -15.99 -10.55
C HIS A 205 12.14 -15.09 -11.69
N LEU A 206 10.99 -14.46 -11.49
CA LEU A 206 10.43 -13.56 -12.49
C LEU A 206 11.40 -12.40 -12.69
N VAL A 207 11.89 -11.84 -11.58
CA VAL A 207 12.81 -10.69 -11.58
C VAL A 207 14.13 -11.01 -12.30
N HIS A 208 14.64 -12.23 -12.09
CA HIS A 208 15.90 -12.61 -12.71
C HIS A 208 15.73 -13.06 -14.15
N ASP A 209 14.50 -13.42 -14.55
CA ASP A 209 14.19 -13.65 -15.97
C ASP A 209 14.38 -12.38 -16.81
N TRP A 210 14.13 -11.23 -16.20
CA TRP A 210 14.39 -9.94 -16.83
C TRP A 210 15.88 -9.66 -16.93
N ASN A 211 16.64 -10.10 -15.92
CA ASN A 211 18.09 -9.98 -15.96
C ASN A 211 18.72 -10.84 -17.07
N ARG A 212 18.13 -11.99 -17.35
CA ARG A 212 18.68 -12.85 -18.40
C ARG A 212 18.22 -12.44 -19.81
N GLU A 213 17.09 -11.74 -19.89
CA GLU A 213 16.70 -11.03 -21.10
C GLU A 213 17.66 -9.85 -21.33
N PHE A 214 18.11 -9.24 -20.24
CA PHE A 214 19.13 -8.18 -20.32
C PHE A 214 20.44 -8.73 -20.90
N VAL A 215 20.91 -9.86 -20.38
CA VAL A 215 22.14 -10.50 -20.89
C VAL A 215 22.00 -10.90 -22.35
N ARG A 216 20.83 -11.41 -22.72
CA ARG A 216 20.57 -11.86 -24.09
C ARG A 216 20.58 -10.70 -25.10
N THR A 217 20.05 -9.53 -24.73
CA THR A 217 19.92 -8.39 -25.65
C THR A 217 20.94 -7.24 -25.46
N SER A 218 21.75 -7.27 -24.40
CA SER A 218 22.78 -6.24 -24.21
C SER A 218 24.00 -6.49 -25.12
N PRO A 219 24.65 -5.41 -25.60
CA PRO A 219 25.92 -5.55 -26.35
C PRO A 219 27.08 -6.09 -25.51
N ALA A 220 27.08 -5.78 -24.21
CA ALA A 220 28.09 -6.29 -23.29
C ALA A 220 27.66 -7.58 -22.55
N GLY A 221 26.62 -8.26 -23.05
CA GLY A 221 26.06 -9.44 -22.39
C GLY A 221 27.08 -10.51 -22.00
N ALA A 222 28.08 -10.72 -22.85
CA ALA A 222 29.16 -11.67 -22.58
C ALA A 222 29.92 -11.35 -21.28
N ARG A 223 29.94 -10.08 -20.90
CA ARG A 223 30.58 -9.63 -19.67
C ARG A 223 29.86 -10.12 -18.40
N TYR A 224 28.55 -10.35 -18.49
CA TYR A 224 27.71 -10.64 -17.32
C TYR A 224 27.05 -12.02 -17.34
N GLU A 225 27.28 -12.79 -18.41
CA GLU A 225 26.56 -14.02 -18.67
C GLU A 225 26.88 -15.16 -17.68
N ALA A 226 28.16 -15.35 -17.38
CA ALA A 226 28.57 -16.34 -16.39
C ALA A 226 27.87 -16.08 -15.05
N LEU A 227 27.90 -14.83 -14.59
CA LEU A 227 27.35 -14.48 -13.29
C LEU A 227 25.82 -14.58 -13.25
N ALA A 228 25.17 -14.20 -14.36
CA ALA A 228 23.72 -14.36 -14.52
C ALA A 228 23.28 -15.82 -14.49
N THR A 229 24.05 -16.67 -15.16
CA THR A 229 23.78 -18.11 -15.21
C THR A 229 23.92 -18.74 -13.82
N GLU A 230 24.90 -18.26 -13.07
CA GLU A 230 25.18 -18.72 -11.71
C GLU A 230 24.06 -18.37 -10.74
N ILE A 231 23.54 -17.15 -10.84
CA ILE A 231 22.41 -16.70 -10.03
C ILE A 231 21.16 -17.56 -10.32
N ASP A 232 20.92 -17.82 -11.60
CA ASP A 232 19.81 -18.68 -12.06
C ASP A 232 19.89 -20.11 -11.50
N ARG A 233 21.11 -20.63 -11.45
CA ARG A 233 21.37 -21.93 -10.87
C ARG A 233 21.15 -21.94 -9.36
N GLY A 234 21.43 -20.83 -8.69
CA GLY A 234 21.14 -20.68 -7.26
C GLY A 234 19.66 -20.63 -6.96
N LEU A 235 18.88 -19.95 -7.81
CA LEU A 235 17.43 -19.90 -7.66
C LEU A 235 16.80 -21.27 -7.91
N ARG A 236 17.26 -21.97 -8.93
CA ARG A 236 16.77 -23.31 -9.24
C ARG A 236 17.14 -24.33 -8.16
N PHE A 237 18.32 -24.17 -7.57
CA PHE A 237 18.76 -24.96 -6.42
C PHE A 237 17.82 -24.79 -5.21
N MET A 238 17.54 -23.52 -4.92
CA MET A 238 16.61 -23.13 -3.87
C MET A 238 15.25 -23.80 -4.08
N SER A 239 14.75 -23.68 -5.30
CA SER A 239 13.53 -24.35 -5.72
C SER A 239 13.62 -25.89 -5.62
N ALA A 240 14.77 -26.45 -5.99
CA ALA A 240 15.01 -27.90 -5.90
C ALA A 240 15.04 -28.42 -4.45
N CYS A 241 15.38 -27.55 -3.50
CA CYS A 241 15.39 -27.90 -2.09
C CYS A 241 14.01 -27.79 -1.44
N GLY A 242 12.98 -27.43 -2.22
CA GLY A 242 11.61 -27.38 -1.72
C GLY A 242 11.10 -26.01 -1.31
N VAL A 243 11.93 -24.98 -1.46
CA VAL A 243 11.57 -23.64 -0.98
C VAL A 243 10.70 -22.91 -1.99
N ALA A 251 9.44 -8.91 0.61
CA ALA A 251 8.90 -8.04 -0.44
C ALA A 251 8.74 -6.60 0.07
N GLU A 252 9.86 -5.94 0.40
CA GLU A 252 9.82 -4.62 1.06
C GLU A 252 10.71 -3.59 0.36
N ILE A 253 10.10 -2.49 -0.09
CA ILE A 253 10.83 -1.35 -0.66
C ILE A 253 10.45 -0.11 0.13
N TYR A 254 11.46 0.55 0.70
CA TYR A 254 11.26 1.73 1.54
C TYR A 254 11.34 3.01 0.71
N ALA A 255 10.69 4.06 1.20
CA ALA A 255 10.68 5.37 0.56
C ALA A 255 11.69 6.31 1.22
N SER A 256 12.36 7.10 0.40
CA SER A 256 13.28 8.13 0.91
C SER A 256 13.33 9.37 0.00
N HIS A 257 13.75 10.48 0.59
CA HIS A 257 14.05 11.69 -0.17
C HIS A 257 14.95 12.61 0.65
N GLU A 258 15.55 13.61 0.00
CA GLU A 258 16.24 14.66 0.72
C GLU A 258 15.26 15.54 1.48
N ALA A 259 15.39 15.55 2.80
CA ALA A 259 14.65 16.49 3.65
C ALA A 259 15.19 17.92 3.42
N LEU A 260 14.48 18.69 2.58
CA LEU A 260 14.92 20.01 2.16
C LEU A 260 13.93 21.11 2.58
N VAL A 261 12.66 20.91 2.24
CA VAL A 261 11.61 21.87 2.51
C VAL A 261 11.00 21.61 3.90
N LEU A 262 11.38 22.43 4.87
CA LEU A 262 11.00 22.19 6.27
C LEU A 262 9.50 22.37 6.54
N ASP A 263 8.83 23.24 5.78
CA ASP A 263 7.37 23.36 5.87
C ASP A 263 6.66 22.03 5.60
N TYR A 264 7.17 21.28 4.63
CA TYR A 264 6.64 19.96 4.31
C TYR A 264 6.97 18.93 5.39
N GLU A 265 8.23 18.86 5.78
CA GLU A 265 8.68 17.84 6.70
C GLU A 265 8.09 18.01 8.10
N ARG A 266 7.92 19.25 8.55
CA ARG A 266 7.36 19.51 9.87
C ARG A 266 5.85 19.27 9.89
N ALA A 267 5.16 19.57 8.80
CA ALA A 267 3.73 19.29 8.69
C ALA A 267 3.45 17.79 8.72
N MET A 268 4.43 16.98 8.36
CA MET A 268 4.27 15.53 8.28
C MET A 268 4.76 14.76 9.52
N LEU A 269 5.16 15.49 10.56
CA LEU A 269 5.54 14.89 11.83
C LEU A 269 4.32 14.31 12.53
N ARG A 270 4.49 13.11 13.08
CA ARG A 270 3.42 12.48 13.84
C ARG A 270 3.99 11.85 15.13
N LEU A 271 3.13 11.70 16.12
CA LEU A 271 3.52 11.11 17.42
C LEU A 271 3.48 9.58 17.42
N SER A 272 4.53 8.99 17.97
CA SER A 272 4.56 7.57 18.36
C SER A 272 5.71 7.33 19.35
N ASP A 273 5.76 6.14 19.95
CA ASP A 273 6.81 5.81 20.92
C ASP A 273 8.08 5.30 20.25
N ASP A 276 12.56 1.93 23.56
CA ASP A 276 12.64 3.24 24.23
C ASP A 276 11.39 3.53 25.06
N GLY A 277 10.22 3.45 24.41
CA GLY A 277 8.93 3.62 25.10
C GLY A 277 8.42 5.05 25.24
N GLU A 278 9.31 6.03 25.05
CA GLU A 278 8.99 7.44 25.27
C GLU A 278 8.41 8.09 24.00
N PRO A 279 7.34 8.91 24.16
CA PRO A 279 6.78 9.68 23.04
C PRO A 279 7.86 10.39 22.21
N GLN A 280 7.73 10.27 20.89
CA GLN A 280 8.72 10.74 19.93
C GLN A 280 8.05 11.20 18.65
N LEU A 281 8.73 12.09 17.93
CA LEU A 281 8.29 12.49 16.60
C LEU A 281 8.90 11.56 15.55
N PHE A 282 8.06 11.12 14.61
CA PHE A 282 8.50 10.49 13.37
C PHE A 282 8.09 11.42 12.23
N ASP A 283 8.96 11.55 11.23
CA ASP A 283 8.58 12.15 9.94
C ASP A 283 7.92 11.04 9.09
N LEU A 284 6.59 11.11 8.96
CA LEU A 284 5.82 10.09 8.24
C LEU A 284 5.55 10.45 6.75
N SER A 285 6.44 11.27 6.17
CA SER A 285 6.46 11.59 4.74
C SER A 285 7.34 10.61 3.99
N ALA A 286 8.14 9.85 4.74
CA ALA A 286 9.07 8.86 4.23
C ALA A 286 9.50 7.91 5.36
N HIS A 287 10.28 6.89 5.02
CA HIS A 287 10.85 5.99 6.02
C HIS A 287 12.20 6.56 6.50
N THR A 288 13.02 7.02 5.56
CA THR A 288 14.30 7.65 5.87
C THR A 288 14.50 8.84 4.97
N VAL A 289 15.25 9.83 5.46
CA VAL A 289 15.56 11.05 4.72
C VAL A 289 17.05 11.36 4.89
N TRP A 290 17.61 12.14 3.97
CA TRP A 290 19.00 12.57 4.08
C TRP A 290 19.12 14.09 3.95
N ILE A 291 20.27 14.59 4.34
CA ILE A 291 20.56 16.02 4.32
C ILE A 291 21.69 16.21 3.34
N GLY A 292 21.46 17.08 2.36
CA GLY A 292 22.42 17.31 1.31
C GLY A 292 23.57 18.22 1.70
N GLU A 293 24.49 18.32 0.75
CA GLU A 293 25.73 19.06 0.88
C GLU A 293 25.55 20.56 1.19
N ARG A 294 24.44 21.13 0.74
CA ARG A 294 24.22 22.58 0.84
C ARG A 294 23.32 22.99 2.02
N THR A 295 22.83 22.01 2.77
CA THR A 295 21.95 22.25 3.90
C THR A 295 22.43 21.58 5.19
N ARG A 296 23.65 21.05 5.18
CA ARG A 296 24.15 20.28 6.34
C ARG A 296 25.00 21.11 7.33
N GLN A 297 24.76 22.41 7.36
CA GLN A 297 25.39 23.30 8.33
C GLN A 297 25.15 22.73 9.74
N ILE A 298 26.22 22.56 10.50
CA ILE A 298 26.17 21.86 11.80
C ILE A 298 25.24 22.57 12.81
N ASP A 299 25.16 23.90 12.74
CA ASP A 299 24.27 24.70 13.60
C ASP A 299 22.98 25.18 12.88
N GLY A 300 22.66 24.57 11.74
CA GLY A 300 21.46 24.94 10.99
C GLY A 300 20.24 24.10 11.31
N ALA A 301 19.10 24.51 10.74
CA ALA A 301 17.79 23.89 11.05
C ALA A 301 17.60 22.45 10.54
N HIS A 302 18.27 22.10 9.44
CA HIS A 302 18.15 20.76 8.87
C HIS A 302 18.79 19.66 9.72
N ILE A 303 20.00 19.92 10.22
CA ILE A 303 20.64 19.00 11.15
C ILE A 303 19.88 18.94 12.47
N ALA A 304 19.41 20.10 12.94
CA ALA A 304 18.58 20.17 14.15
C ALA A 304 17.27 19.38 13.99
N PHE A 305 16.66 19.45 12.81
CA PHE A 305 15.44 18.69 12.51
C PHE A 305 15.72 17.18 12.55
N ALA A 306 16.84 16.78 11.97
CA ALA A 306 17.25 15.37 11.96
C ALA A 306 17.56 14.88 13.39
N GLN A 307 18.02 15.77 14.27
CA GLN A 307 18.21 15.41 15.67
C GLN A 307 16.92 14.99 16.36
N VAL A 308 15.83 15.69 16.06
CA VAL A 308 14.57 15.55 16.80
C VAL A 308 13.74 14.35 16.37
N ILE A 309 13.79 14.00 15.08
CA ILE A 309 12.97 12.90 14.53
C ILE A 309 13.56 11.52 14.85
N ALA A 310 12.70 10.50 14.91
CA ALA A 310 13.12 9.12 15.17
C ALA A 310 13.62 8.37 13.93
N ASN A 311 13.27 8.83 12.73
CA ASN A 311 13.65 8.15 11.48
C ASN A 311 15.16 7.95 11.36
N PRO A 312 15.60 6.85 10.72
CA PRO A 312 17.00 6.80 10.31
C PRO A 312 17.33 7.92 9.32
N VAL A 313 18.53 8.48 9.43
CA VAL A 313 18.92 9.62 8.62
C VAL A 313 20.28 9.40 7.94
N GLY A 314 20.52 10.14 6.86
CA GLY A 314 21.82 10.19 6.20
C GLY A 314 22.30 11.63 6.03
N VAL A 315 23.62 11.79 5.94
CA VAL A 315 24.25 13.07 5.63
C VAL A 315 25.21 12.85 4.46
N LYS A 316 25.13 13.71 3.44
CA LYS A 316 26.01 13.64 2.28
C LYS A 316 27.35 14.28 2.61
N LEU A 317 28.46 13.60 2.29
CA LEU A 317 29.81 14.10 2.57
C LEU A 317 30.64 14.21 1.28
N GLY A 318 31.07 15.43 0.96
CA GLY A 318 31.85 15.70 -0.25
C GLY A 318 33.34 15.92 0.02
N PRO A 319 34.08 16.41 -0.99
CA PRO A 319 35.53 16.62 -0.95
C PRO A 319 36.05 17.58 0.14
N ASN A 320 35.23 18.54 0.56
CA ASN A 320 35.63 19.50 1.59
C ASN A 320 35.41 19.03 3.03
N MET A 321 35.00 17.78 3.21
CA MET A 321 34.74 17.22 4.53
C MET A 321 36.04 16.93 5.29
N THR A 322 36.05 17.28 6.57
CA THR A 322 37.16 16.99 7.46
C THR A 322 36.76 15.83 8.38
N PRO A 323 37.71 14.96 8.73
CA PRO A 323 37.38 13.93 9.72
C PRO A 323 36.71 14.49 11.00
N GLU A 324 37.07 15.71 11.38
CA GLU A 324 36.56 16.33 12.59
C GLU A 324 35.09 16.73 12.49
N LEU A 325 34.71 17.36 11.37
CA LEU A 325 33.30 17.71 11.13
C LEU A 325 32.45 16.45 10.94
N ALA A 326 33.03 15.43 10.33
CA ALA A 326 32.36 14.11 10.23
C ALA A 326 32.06 13.51 11.61
N VAL A 327 32.97 13.69 12.56
CA VAL A 327 32.75 13.23 13.94
C VAL A 327 31.68 14.08 14.65
N GLU A 328 31.59 15.37 14.32
CA GLU A 328 30.53 16.24 14.87
C GLU A 328 29.12 15.82 14.43
N TYR A 329 28.99 15.26 13.22
CA TYR A 329 27.72 14.70 12.75
C TYR A 329 27.32 13.45 13.54
N VAL A 330 28.28 12.57 13.81
CA VAL A 330 28.05 11.37 14.61
C VAL A 330 27.54 11.69 16.02
N GLU A 331 28.15 12.69 16.66
CA GLU A 331 27.75 13.12 18.00
C GLU A 331 26.41 13.87 18.04
N ARG A 332 26.09 14.65 17.01
CA ARG A 332 24.78 15.32 16.92
C ARG A 332 23.65 14.35 16.61
N LEU A 333 23.85 13.54 15.57
CA LEU A 333 22.79 12.71 15.01
C LEU A 333 22.72 11.28 15.55
N ASP A 334 23.72 10.83 16.28
CA ASP A 334 23.66 9.50 16.91
C ASP A 334 24.11 9.55 18.37
N PRO A 335 23.45 10.38 19.18
CA PRO A 335 23.87 10.52 20.58
C PRO A 335 23.73 9.23 21.40
N HIS A 336 22.74 8.40 21.08
CA HIS A 336 22.46 7.19 21.87
C HIS A 336 23.18 5.94 21.37
N ASN A 337 24.13 6.11 20.46
CA ASN A 337 24.86 4.98 19.85
C ASN A 337 23.91 3.84 19.43
N LYS A 338 23.01 4.15 18.49
CA LYS A 338 22.14 3.15 17.89
C LYS A 338 22.68 2.82 16.50
N PRO A 339 23.21 1.60 16.32
CA PRO A 339 23.73 1.23 15.00
C PRO A 339 22.74 1.43 13.85
N GLY A 340 23.22 2.00 12.75
CA GLY A 340 22.40 2.17 11.56
C GLY A 340 21.47 3.37 11.55
N ARG A 341 21.40 4.09 12.67
CA ARG A 341 20.60 5.30 12.76
C ARG A 341 21.18 6.42 11.88
N LEU A 342 22.51 6.51 11.85
CA LEU A 342 23.19 7.46 10.98
C LEU A 342 23.96 6.72 9.87
N THR A 343 23.72 7.15 8.63
CA THR A 343 24.44 6.74 7.43
C THR A 343 25.25 7.94 6.92
N LEU A 344 26.55 7.75 6.71
CA LEU A 344 27.39 8.79 6.11
C LEU A 344 27.65 8.47 4.63
N VAL A 345 27.24 9.38 3.74
CA VAL A 345 27.21 9.12 2.30
C VAL A 345 28.36 9.81 1.55
N SER A 346 29.33 9.00 1.16
CA SER A 346 30.53 9.46 0.50
C SER A 346 30.25 9.84 -0.95
N ARG A 347 30.57 11.07 -1.35
CA ARG A 347 30.53 11.48 -2.76
C ARG A 347 31.72 12.39 -3.05
N MET A 348 32.88 11.77 -3.30
CA MET A 348 34.16 12.45 -3.37
C MET A 348 34.67 12.77 -4.78
N GLY A 349 34.17 12.05 -5.77
CA GLY A 349 34.79 12.00 -7.10
C GLY A 349 35.72 10.81 -7.14
N ASN A 350 35.72 10.06 -8.25
CA ASN A 350 36.54 8.83 -8.35
C ASN A 350 38.03 9.06 -8.17
N HIS A 351 38.51 10.19 -8.68
CA HIS A 351 39.92 10.60 -8.58
C HIS A 351 40.34 11.05 -7.18
N LYS A 352 39.37 11.31 -6.29
CA LYS A 352 39.66 11.79 -4.93
C LYS A 352 39.28 10.83 -3.79
N VAL A 353 38.47 9.80 -4.08
CA VAL A 353 37.89 8.95 -3.02
C VAL A 353 38.93 8.14 -2.23
N ARG A 354 39.92 7.59 -2.94
CA ARG A 354 40.96 6.76 -2.33
C ARG A 354 41.87 7.57 -1.40
N ASP A 355 41.97 8.88 -1.63
CA ASP A 355 42.77 9.78 -0.82
C ASP A 355 42.00 10.40 0.34
N LEU A 356 40.77 10.83 0.06
CA LEU A 356 40.01 11.65 1.00
C LEU A 356 39.21 10.84 2.04
N LEU A 357 38.70 9.67 1.64
CA LEU A 357 37.81 8.88 2.50
C LEU A 357 38.49 8.20 3.70
N PRO A 358 39.68 7.58 3.50
CA PRO A 358 40.31 6.83 4.60
C PRO A 358 40.44 7.57 5.95
N PRO A 359 40.94 8.81 5.96
CA PRO A 359 41.02 9.50 7.26
C PRO A 359 39.67 9.81 7.91
N ILE A 360 38.63 10.08 7.11
CA ILE A 360 37.29 10.28 7.66
C ILE A 360 36.80 8.98 8.33
N VAL A 361 36.98 7.85 7.67
CA VAL A 361 36.57 6.55 8.21
C VAL A 361 37.31 6.19 9.50
N GLU A 362 38.63 6.39 9.51
CA GLU A 362 39.44 6.15 10.70
C GLU A 362 38.96 6.95 11.92
N LYS A 363 38.80 8.27 11.73
CA LYS A 363 38.31 9.16 12.79
C LYS A 363 36.94 8.76 13.33
N VAL A 364 36.02 8.39 12.43
CA VAL A 364 34.66 8.01 12.84
C VAL A 364 34.64 6.67 13.56
N GLN A 365 35.34 5.67 13.02
CA GLN A 365 35.40 4.34 13.67
C GLN A 365 35.94 4.42 15.10
N ALA A 366 36.84 5.35 15.36
CA ALA A 366 37.47 5.49 16.68
C ALA A 366 36.52 6.07 17.74
N THR A 367 35.43 6.69 17.30
CA THR A 367 34.41 7.22 18.22
C THR A 367 33.63 6.10 18.92
N GLY A 368 33.65 4.90 18.36
CA GLY A 368 32.90 3.76 18.91
C GLY A 368 31.46 3.68 18.42
N HIS A 369 31.01 4.65 17.61
CA HIS A 369 29.68 4.62 17.02
C HIS A 369 29.70 3.78 15.75
N GLN A 370 28.53 3.22 15.40
CA GLN A 370 28.42 2.38 14.21
C GLN A 370 27.56 3.04 13.14
N VAL A 371 28.21 3.71 12.20
CA VAL A 371 27.52 4.31 11.06
C VAL A 371 27.46 3.31 9.91
N ILE A 372 26.50 3.53 9.00
CA ILE A 372 26.52 2.90 7.69
C ILE A 372 27.38 3.77 6.76
N TRP A 373 28.35 3.14 6.10
CA TRP A 373 29.15 3.80 5.09
C TRP A 373 28.56 3.48 3.73
N GLN A 374 28.09 4.51 3.04
CA GLN A 374 27.42 4.35 1.76
C GLN A 374 28.12 5.18 0.71
N CYS A 375 28.23 4.60 -0.50
CA CYS A 375 28.87 5.25 -1.62
C CYS A 375 27.83 5.92 -2.50
N ASP A 376 28.02 7.20 -2.77
CA ASP A 376 27.30 7.90 -3.82
C ASP A 376 28.31 8.23 -4.94
N PRO A 377 28.35 7.39 -5.99
CA PRO A 377 29.31 7.55 -7.06
C PRO A 377 28.86 8.48 -8.18
N MET A 378 27.73 9.17 -8.00
CA MET A 378 27.13 9.97 -9.06
C MET A 378 27.51 11.45 -8.90
N HIS A 379 27.25 12.02 -7.73
CA HIS A 379 27.27 13.48 -7.56
C HIS A 379 28.64 14.13 -7.51
N GLY A 380 29.69 13.35 -7.30
CA GLY A 380 31.06 13.84 -7.42
C GLY A 380 31.66 13.73 -8.82
N ASN A 381 30.87 13.25 -9.79
CA ASN A 381 31.40 12.87 -11.10
C ASN A 381 30.62 13.46 -12.29
N THR A 382 30.00 14.62 -12.07
CA THR A 382 29.21 15.29 -13.12
C THR A 382 30.07 16.24 -13.95
N HIS A 383 29.76 16.33 -15.25
CA HIS A 383 30.39 17.29 -16.15
C HIS A 383 29.46 17.63 -17.31
N GLU A 384 29.71 18.77 -17.97
CA GLU A 384 28.90 19.19 -19.11
C GLU A 384 29.57 18.85 -20.44
N SER A 385 28.79 18.33 -21.37
CA SER A 385 29.27 17.97 -22.69
C SER A 385 29.41 19.20 -23.59
N SER A 386 30.09 19.06 -24.72
CA SER A 386 30.21 20.15 -25.69
C SER A 386 28.85 20.43 -26.34
N THR A 387 28.04 19.38 -26.46
CA THR A 387 26.65 19.49 -26.92
C THR A 387 25.70 20.12 -25.88
N GLY A 388 26.22 20.50 -24.71
CA GLY A 388 25.48 21.32 -23.75
C GLY A 388 24.68 20.62 -22.66
N PHE A 389 24.69 19.29 -22.65
CA PHE A 389 23.97 18.52 -21.62
C PHE A 389 24.91 18.14 -20.47
N LYS A 390 24.45 18.33 -19.23
CA LYS A 390 25.20 17.83 -18.07
C LYS A 390 25.05 16.29 -18.01
N THR A 391 26.19 15.62 -17.88
CA THR A 391 26.25 14.17 -18.05
C THR A 391 27.31 13.55 -17.12
N ARG A 392 27.36 12.21 -17.10
CA ARG A 392 28.28 11.43 -16.26
C ARG A 392 28.81 10.23 -17.03
N HIS A 393 30.09 9.90 -16.83
CA HIS A 393 30.67 8.74 -17.50
C HIS A 393 30.66 7.51 -16.59
N PHE A 394 30.05 6.45 -17.10
CA PHE A 394 29.97 5.13 -16.47
C PHE A 394 31.28 4.66 -15.83
N ASP A 395 32.41 4.83 -16.53
CA ASP A 395 33.73 4.42 -16.02
C ASP A 395 34.15 5.18 -14.75
N ARG A 396 33.80 6.45 -14.66
CA ARG A 396 34.08 7.24 -13.46
C ARG A 396 33.18 6.82 -12.30
N ILE A 397 31.92 6.52 -12.61
CA ILE A 397 30.96 6.02 -11.64
C ILE A 397 31.40 4.68 -11.05
N VAL A 398 31.82 3.76 -11.92
CA VAL A 398 32.32 2.45 -11.49
C VAL A 398 33.62 2.60 -10.68
N ASP A 399 34.47 3.52 -11.10
CA ASP A 399 35.78 3.69 -10.46
C ASP A 399 35.68 4.20 -9.03
N GLU A 400 34.66 5.05 -8.76
CA GLU A 400 34.44 5.53 -7.38
C GLU A 400 33.87 4.48 -6.42
N VAL A 401 32.91 3.65 -6.88
CA VAL A 401 32.46 2.52 -6.06
C VAL A 401 33.62 1.56 -5.76
N GLN A 402 34.44 1.30 -6.78
CA GLN A 402 35.63 0.46 -6.61
C GLN A 402 36.62 1.03 -5.60
N GLY A 403 36.95 2.31 -5.76
CA GLY A 403 37.81 3.01 -4.80
C GLY A 403 37.24 2.99 -3.40
N PHE A 404 35.91 3.10 -3.33
CA PHE A 404 35.18 2.98 -2.08
C PHE A 404 35.38 1.58 -1.45
N PHE A 405 35.30 0.54 -2.27
CA PHE A 405 35.56 -0.83 -1.80
C PHE A 405 37.04 -1.05 -1.43
N GLU A 406 37.97 -0.44 -2.16
CA GLU A 406 39.39 -0.55 -1.86
C GLU A 406 39.75 0.11 -0.52
N VAL A 407 39.09 1.23 -0.21
CA VAL A 407 39.32 1.93 1.07
C VAL A 407 38.89 1.05 2.25
N HIS A 408 37.65 0.56 2.22
CA HIS A 408 37.09 -0.24 3.32
C HIS A 408 37.78 -1.60 3.51
N ARG A 409 38.18 -2.24 2.41
CA ARG A 409 38.99 -3.46 2.48
C ARG A 409 40.26 -3.17 3.27
N ALA A 410 40.97 -2.10 2.89
CA ALA A 410 42.23 -1.72 3.52
C ALA A 410 42.11 -1.33 4.99
N LEU A 411 40.95 -0.86 5.43
CA LEU A 411 40.75 -0.47 6.83
C LEU A 411 40.09 -1.57 7.67
N GLY A 412 39.54 -2.60 7.01
CA GLY A 412 38.81 -3.66 7.69
C GLY A 412 37.37 -3.32 8.06
N THR A 413 36.86 -2.23 7.49
CA THR A 413 35.52 -1.73 7.75
C THR A 413 34.53 -2.22 6.69
N HIS A 414 33.25 -1.97 6.91
CA HIS A 414 32.20 -2.49 6.04
C HIS A 414 31.77 -1.48 4.97
N PRO A 415 31.92 -1.86 3.68
CA PRO A 415 31.29 -1.06 2.62
C PRO A 415 29.79 -1.32 2.64
N GLY A 416 29.03 -0.38 3.21
CA GLY A 416 27.66 -0.65 3.68
C GLY A 416 26.57 -0.62 2.64
N GLY A 417 26.78 0.18 1.58
CA GLY A 417 25.81 0.26 0.50
C GLY A 417 26.17 1.23 -0.61
N ILE A 418 25.25 1.39 -1.56
CA ILE A 418 25.37 2.39 -2.61
C ILE A 418 24.12 3.29 -2.70
N HIS A 419 24.32 4.51 -3.18
CA HIS A 419 23.27 5.50 -3.36
C HIS A 419 23.39 5.94 -4.80
N VAL A 420 22.41 5.59 -5.62
CA VAL A 420 22.59 5.71 -7.07
C VAL A 420 21.36 6.34 -7.74
N GLU A 421 21.54 6.98 -8.89
CA GLU A 421 20.45 7.65 -9.60
C GLU A 421 20.15 6.96 -10.90
N ILE A 422 18.95 6.39 -10.99
CA ILE A 422 18.60 5.44 -12.03
C ILE A 422 17.18 5.65 -12.54
N THR A 423 16.86 4.95 -13.63
CA THR A 423 15.52 4.93 -14.18
C THR A 423 15.32 3.62 -14.96
N GLY A 424 14.06 3.17 -15.05
CA GLY A 424 13.70 1.96 -15.81
C GLY A 424 13.34 2.20 -17.27
N GLU A 425 13.76 3.35 -17.83
CA GLU A 425 13.53 3.64 -19.25
C GLU A 425 14.86 3.71 -19.99
N ASN A 426 14.78 3.65 -21.33
CA ASN A 426 15.97 3.67 -22.17
C ASN A 426 16.39 5.11 -22.52
N VAL A 427 16.77 5.87 -21.50
CA VAL A 427 17.19 7.27 -21.65
C VAL A 427 18.64 7.39 -22.10
N THR A 428 18.99 8.60 -22.57
CA THR A 428 20.35 8.91 -23.03
C THR A 428 20.88 10.10 -22.24
N GLU A 429 21.31 9.83 -21.01
CA GLU A 429 21.73 10.87 -20.07
C GLU A 429 23.16 10.68 -19.54
N CYS A 430 23.57 9.42 -19.35
CA CYS A 430 24.94 9.07 -18.96
C CYS A 430 25.71 8.48 -20.15
N LEU A 431 26.96 8.92 -20.31
CA LEU A 431 27.84 8.39 -21.35
C LEU A 431 28.36 7.00 -20.96
N GLY A 432 28.71 6.21 -21.97
CA GLY A 432 29.29 4.90 -21.76
C GLY A 432 28.27 3.79 -21.55
N GLY A 433 28.71 2.75 -20.84
CA GLY A 433 27.94 1.52 -20.69
C GLY A 433 28.10 0.59 -21.89
N ALA A 434 27.37 -0.52 -21.88
CA ALA A 434 27.36 -1.48 -22.99
C ALA A 434 26.94 -0.85 -24.31
N GLN A 435 25.99 0.09 -24.22
CA GLN A 435 25.47 0.80 -25.40
C GLN A 435 26.43 1.87 -25.91
N ASP A 436 27.43 2.22 -25.11
CA ASP A 436 28.46 3.21 -25.48
C ASP A 436 27.84 4.54 -25.89
N ILE A 437 26.97 5.08 -25.04
CA ILE A 437 26.29 6.33 -25.31
C ILE A 437 27.30 7.47 -25.41
N SER A 438 27.17 8.29 -26.45
CA SER A 438 28.11 9.36 -26.74
C SER A 438 27.46 10.74 -26.53
N GLU A 439 28.25 11.78 -26.70
CA GLU A 439 27.77 13.17 -26.58
C GLU A 439 26.68 13.51 -27.58
N THR A 440 26.76 12.93 -28.78
CA THR A 440 25.73 13.11 -29.81
C THR A 440 24.42 12.40 -29.46
N ASP A 441 24.55 11.23 -28.82
CA ASP A 441 23.39 10.43 -28.44
C ASP A 441 22.59 11.05 -27.30
N LEU A 442 23.20 11.96 -26.54
CA LEU A 442 22.56 12.57 -25.36
C LEU A 442 21.23 13.26 -25.70
N ALA A 443 21.16 13.86 -26.89
CA ALA A 443 19.96 14.59 -27.34
C ALA A 443 18.78 13.68 -27.74
N GLY A 444 19.02 12.37 -27.87
CA GLY A 444 17.96 11.42 -28.21
C GLY A 444 16.78 11.48 -27.26
N ARG A 445 16.99 11.04 -26.02
CA ARG A 445 16.01 11.25 -24.96
C ARG A 445 16.66 11.52 -23.61
N TYR A 446 17.06 12.79 -23.46
CA TYR A 446 17.50 13.37 -22.21
C TYR A 446 16.26 13.89 -21.49
N GLU A 447 15.72 13.06 -20.59
CA GLU A 447 14.40 13.31 -20.02
C GLU A 447 14.42 13.73 -18.54
N THR A 448 15.60 13.77 -17.93
CA THR A 448 15.74 14.13 -16.52
C THR A 448 15.36 15.59 -16.28
N ALA A 449 14.72 15.85 -15.13
CA ALA A 449 14.40 17.21 -14.71
C ALA A 449 15.55 17.81 -13.91
N CYS A 450 16.60 17.02 -13.67
CA CYS A 450 17.80 17.51 -12.99
C CYS A 450 19.04 16.72 -13.43
N ASP A 451 19.57 15.83 -12.59
CA ASP A 451 20.83 15.16 -12.91
C ASP A 451 20.67 13.96 -13.86
N PRO A 452 21.73 13.66 -14.64
CA PRO A 452 21.73 12.52 -15.56
C PRO A 452 21.63 11.18 -14.81
N ARG A 453 20.62 10.38 -15.17
CA ARG A 453 20.41 9.07 -14.56
C ARG A 453 20.96 7.94 -15.42
N LEU A 454 21.41 6.88 -14.75
CA LEU A 454 21.74 5.64 -15.40
C LEU A 454 20.43 5.02 -15.92
N ASN A 455 20.41 4.65 -17.20
CA ASN A 455 19.21 4.06 -17.79
C ASN A 455 19.02 2.62 -17.30
N THR A 456 17.98 1.96 -17.79
CA THR A 456 17.67 0.57 -17.42
C THR A 456 18.90 -0.35 -17.54
N GLN A 457 19.57 -0.32 -18.69
CA GLN A 457 20.75 -1.17 -18.94
C GLN A 457 21.95 -0.81 -18.07
N GLN A 458 22.28 0.47 -17.98
CA GLN A 458 23.48 0.92 -17.25
C GLN A 458 23.38 0.60 -15.75
N SER A 459 22.19 0.78 -15.20
CA SER A 459 21.88 0.39 -13.81
C SER A 459 22.18 -1.07 -13.51
N LEU A 460 21.69 -1.95 -14.38
CA LEU A 460 21.91 -3.40 -14.25
C LEU A 460 23.38 -3.76 -14.31
N GLU A 461 24.09 -3.17 -15.27
CA GLU A 461 25.53 -3.37 -15.40
C GLU A 461 26.25 -3.04 -14.10
N LEU A 462 25.95 -1.87 -13.54
CA LEU A 462 26.56 -1.45 -12.26
C LEU A 462 26.32 -2.50 -11.17
N ALA A 463 25.07 -2.96 -11.04
CA ALA A 463 24.70 -4.01 -10.07
C ALA A 463 25.57 -5.26 -10.24
N PHE A 464 25.79 -5.68 -11.49
CA PHE A 464 26.65 -6.84 -11.78
C PHE A 464 28.12 -6.60 -11.37
N LEU A 465 28.63 -5.40 -11.65
CA LEU A 465 30.01 -5.07 -11.31
C LEU A 465 30.20 -4.91 -9.79
N VAL A 466 29.22 -4.32 -9.11
CA VAL A 466 29.31 -4.21 -7.65
C VAL A 466 29.11 -5.59 -6.97
N ALA A 467 28.32 -6.47 -7.59
CA ALA A 467 28.22 -7.87 -7.16
C ALA A 467 29.58 -8.59 -7.15
N GLU A 468 30.39 -8.35 -8.18
CA GLU A 468 31.78 -8.82 -8.24
C GLU A 468 32.68 -8.18 -7.19
N MET A 469 32.49 -6.89 -6.93
CA MET A 469 33.21 -6.20 -5.86
C MET A 469 32.88 -6.79 -4.50
N LEU A 470 31.62 -7.14 -4.30
CA LEU A 470 31.17 -7.69 -3.02
C LEU A 470 31.67 -9.10 -2.72
N ARG A 471 32.10 -9.84 -3.75
CA ARG A 471 32.46 -11.26 -3.59
C ARG A 471 33.69 -11.53 -2.72
N ASP A 472 33.47 -11.51 -1.41
CA ASP A 472 34.39 -12.06 -0.38
C ASP A 472 35.78 -11.44 -0.34
N TRP B 13 -5.52 27.16 -1.19
CA TRP B 13 -6.93 27.34 -1.70
C TRP B 13 -7.23 26.42 -2.89
N THR B 14 -6.39 26.46 -3.93
CA THR B 14 -6.52 25.55 -5.06
C THR B 14 -5.18 25.01 -5.54
N VAL B 15 -5.14 23.72 -5.88
CA VAL B 15 -4.05 23.13 -6.61
C VAL B 15 -4.35 23.38 -8.09
N ASP B 16 -3.32 23.59 -8.90
CA ASP B 16 -3.50 23.81 -10.34
C ASP B 16 -2.84 22.69 -11.14
N ILE B 17 -3.56 22.12 -12.10
CA ILE B 17 -3.05 21.00 -12.89
C ILE B 17 -3.27 21.23 -14.39
N PRO B 18 -2.18 21.21 -15.19
CA PRO B 18 -2.31 21.39 -16.62
C PRO B 18 -2.71 20.10 -17.38
N ILE B 19 -3.37 20.27 -18.51
CA ILE B 19 -3.86 19.16 -19.34
C ILE B 19 -3.00 19.00 -20.60
N ASP B 20 -2.68 20.11 -21.27
CA ASP B 20 -1.86 20.10 -22.51
C ASP B 20 -0.80 19.00 -22.55
N LEU B 25 -2.58 8.32 -24.70
CA LEU B 25 -2.11 6.98 -24.34
C LEU B 25 -2.47 5.96 -25.44
N PRO B 26 -1.85 4.75 -25.41
CA PRO B 26 -2.12 3.71 -26.41
C PRO B 26 -3.62 3.37 -26.58
N PRO B 27 -4.07 3.12 -27.83
CA PRO B 27 -5.49 2.82 -28.00
C PRO B 27 -5.88 1.42 -27.51
N LEU B 28 -7.09 1.32 -26.96
CA LEU B 28 -7.71 0.02 -26.63
C LEU B 28 -7.78 -0.90 -27.84
N PRO B 29 -7.80 -2.22 -27.60
CA PRO B 29 -8.20 -3.12 -28.69
C PRO B 29 -9.57 -2.70 -29.27
N THR B 30 -9.73 -2.87 -30.59
CA THR B 30 -10.91 -2.38 -31.33
C THR B 30 -12.24 -2.89 -30.74
N ASP B 31 -12.28 -4.16 -30.31
CA ASP B 31 -13.50 -4.73 -29.75
C ASP B 31 -13.83 -4.18 -28.34
N LEU B 32 -12.81 -3.93 -27.53
CA LEU B 32 -13.04 -3.32 -26.21
C LEU B 32 -13.52 -1.85 -26.30
N ARG B 33 -12.94 -1.07 -27.21
CA ARG B 33 -13.44 0.30 -27.51
C ARG B 33 -14.91 0.30 -27.94
N THR B 34 -15.26 -0.58 -28.90
CA THR B 34 -16.64 -0.71 -29.38
C THR B 34 -17.63 -1.05 -28.26
N ARG B 35 -17.22 -1.98 -27.40
CA ARG B 35 -18.08 -2.44 -26.31
C ARG B 35 -18.19 -1.41 -25.20
N LEU B 36 -17.09 -0.73 -24.88
CA LEU B 36 -17.12 0.34 -23.87
C LEU B 36 -18.00 1.51 -24.33
N ASP B 37 -17.74 2.00 -25.54
CA ASP B 37 -18.57 3.05 -26.14
C ASP B 37 -20.06 2.69 -26.10
N ALA B 38 -20.41 1.45 -26.46
CA ALA B 38 -21.80 0.99 -26.47
C ALA B 38 -22.42 0.93 -25.06
N ALA B 39 -21.66 0.46 -24.08
CA ALA B 39 -22.13 0.46 -22.68
C ALA B 39 -22.44 1.88 -22.22
N LEU B 40 -21.57 2.84 -22.53
CA LEU B 40 -21.71 4.23 -22.09
C LEU B 40 -22.71 5.06 -22.89
N ALA B 41 -23.10 4.57 -24.07
CA ALA B 41 -24.17 5.22 -24.84
C ALA B 41 -25.57 4.83 -24.34
N LYS B 42 -25.67 3.81 -23.48
CA LYS B 42 -26.95 3.44 -22.90
C LYS B 42 -27.40 4.45 -21.84
N PRO B 43 -28.70 4.51 -21.52
CA PRO B 43 -29.12 5.49 -20.53
C PRO B 43 -28.59 5.14 -19.14
N ALA B 44 -28.30 6.17 -18.36
CA ALA B 44 -27.72 6.05 -17.03
C ALA B 44 -28.50 6.91 -16.04
N ALA B 45 -29.06 6.27 -15.01
CA ALA B 45 -29.71 6.98 -13.93
C ALA B 45 -28.67 7.59 -12.97
N GLN B 46 -29.09 8.62 -12.23
CA GLN B 46 -28.40 9.13 -11.03
C GLN B 46 -27.03 9.76 -11.27
N GLN B 47 -26.83 10.30 -12.47
CA GLN B 47 -25.57 10.90 -12.83
C GLN B 47 -25.51 12.38 -12.43
N PRO B 48 -24.29 12.89 -12.11
CA PRO B 48 -24.12 14.34 -11.88
C PRO B 48 -24.49 15.15 -13.11
N THR B 49 -24.90 16.40 -12.92
CA THR B 49 -25.41 17.23 -14.01
C THR B 49 -24.42 18.32 -14.44
N TRP B 50 -23.12 18.11 -14.19
CA TRP B 50 -22.08 19.03 -14.60
C TRP B 50 -21.79 18.98 -16.10
N PRO B 51 -21.17 20.04 -16.66
CA PRO B 51 -20.90 20.10 -18.09
C PRO B 51 -19.95 19.01 -18.60
N ALA B 52 -20.19 18.54 -19.83
CA ALA B 52 -19.40 17.46 -20.45
C ALA B 52 -17.94 17.86 -20.67
N ASP B 53 -17.70 19.12 -21.02
CA ASP B 53 -16.34 19.63 -21.27
C ASP B 53 -15.47 19.65 -20.00
N GLN B 54 -16.06 20.00 -18.87
CA GLN B 54 -15.38 20.01 -17.58
C GLN B 54 -15.14 18.58 -17.08
N ALA B 55 -16.14 17.72 -17.25
CA ALA B 55 -15.99 16.29 -16.92
C ALA B 55 -14.83 15.66 -17.70
N LEU B 56 -14.79 15.92 -19.01
CA LEU B 56 -13.74 15.39 -19.89
C LEU B 56 -12.33 15.82 -19.47
N ALA B 57 -12.18 17.07 -19.06
CA ALA B 57 -10.90 17.59 -18.59
C ALA B 57 -10.44 16.88 -17.33
N MET B 58 -11.37 16.65 -16.41
CA MET B 58 -11.08 15.92 -15.16
C MET B 58 -10.75 14.45 -15.37
N ARG B 59 -11.44 13.82 -16.33
CA ARG B 59 -11.18 12.42 -16.67
C ARG B 59 -9.81 12.23 -17.32
N THR B 60 -9.38 13.25 -18.07
CA THR B 60 -8.05 13.24 -18.69
C THR B 60 -6.95 13.29 -17.64
N VAL B 61 -7.16 14.06 -16.56
CA VAL B 61 -6.23 14.05 -15.42
C VAL B 61 -6.17 12.65 -14.80
N LEU B 62 -7.32 12.05 -14.54
CA LEU B 62 -7.39 10.74 -13.89
C LEU B 62 -6.90 9.57 -14.74
N GLU B 63 -6.83 9.75 -16.05
CA GLU B 63 -6.43 8.67 -16.95
C GLU B 63 -4.95 8.31 -16.86
N SER B 64 -4.15 9.20 -16.29
CA SER B 64 -2.71 9.01 -16.19
C SER B 64 -2.20 8.84 -14.73
N VAL B 65 -3.09 8.99 -13.74
CA VAL B 65 -2.70 8.86 -12.34
C VAL B 65 -2.41 7.40 -11.99
N PRO B 66 -1.53 7.16 -11.00
CA PRO B 66 -1.36 5.77 -10.52
C PRO B 66 -2.68 5.18 -10.01
N PRO B 67 -2.96 3.91 -10.34
CA PRO B 67 -4.27 3.37 -10.00
C PRO B 67 -4.40 3.12 -8.48
N VAL B 68 -5.62 2.99 -7.98
CA VAL B 68 -5.85 2.69 -6.58
C VAL B 68 -5.55 1.22 -6.28
N THR B 69 -5.86 0.34 -7.26
CA THR B 69 -5.59 -1.10 -7.14
C THR B 69 -4.86 -1.58 -8.39
N VAL B 70 -4.39 -2.84 -8.38
CA VAL B 70 -3.70 -3.44 -9.55
C VAL B 70 -4.39 -4.75 -9.98
N PRO B 71 -4.34 -5.07 -11.29
CA PRO B 71 -5.02 -6.26 -11.84
C PRO B 71 -4.77 -7.58 -11.11
N SER B 72 -3.53 -7.85 -10.71
CA SER B 72 -3.20 -9.10 -10.00
C SER B 72 -3.95 -9.25 -8.68
N GLU B 73 -4.22 -8.14 -8.00
CA GLU B 73 -5.01 -8.20 -6.76
C GLU B 73 -6.49 -8.52 -7.02
N ILE B 74 -7.01 -8.04 -8.16
CA ILE B 74 -8.38 -8.32 -8.59
C ILE B 74 -8.57 -9.79 -9.04
N VAL B 75 -7.57 -10.33 -9.74
CA VAL B 75 -7.53 -11.75 -10.11
C VAL B 75 -7.45 -12.64 -8.86
N ARG B 76 -6.68 -12.21 -7.87
CA ARG B 76 -6.59 -12.92 -6.60
C ARG B 76 -7.90 -12.88 -5.79
N LEU B 77 -8.56 -11.72 -5.74
CA LEU B 77 -9.88 -11.62 -5.12
C LEU B 77 -10.90 -12.59 -5.73
N GLN B 78 -10.90 -12.65 -7.07
CA GLN B 78 -11.77 -13.54 -7.84
C GLN B 78 -11.60 -15.00 -7.44
N GLU B 79 -10.36 -15.41 -7.19
CA GLU B 79 -10.05 -16.78 -6.79
C GLU B 79 -10.58 -17.07 -5.39
N GLN B 80 -10.48 -16.07 -4.51
CA GLN B 80 -11.00 -16.17 -3.16
C GLN B 80 -12.53 -16.13 -3.11
N LEU B 81 -13.14 -15.33 -3.98
CA LEU B 81 -14.61 -15.27 -4.05
C LEU B 81 -15.18 -16.55 -4.69
N ALA B 82 -14.41 -17.20 -5.55
CA ALA B 82 -14.78 -18.51 -6.12
C ALA B 82 -14.94 -19.54 -5.00
N GLN B 83 -13.99 -19.60 -4.08
CA GLN B 83 -14.13 -20.43 -2.86
C GLN B 83 -15.38 -20.10 -2.04
N VAL B 84 -15.72 -18.82 -1.91
CA VAL B 84 -16.94 -18.41 -1.20
C VAL B 84 -18.17 -18.99 -1.90
N ALA B 85 -18.21 -18.82 -3.22
CA ALA B 85 -19.30 -19.30 -4.07
C ALA B 85 -19.50 -20.81 -3.96
N LYS B 86 -18.38 -21.54 -3.86
CA LYS B 86 -18.38 -23.01 -3.74
C LYS B 86 -18.68 -23.53 -2.32
N GLY B 87 -18.85 -22.62 -1.35
CA GLY B 87 -19.26 -23.00 -0.01
C GLY B 87 -18.11 -23.24 0.95
N GLU B 88 -16.93 -22.73 0.61
CA GLU B 88 -15.68 -23.02 1.35
C GLU B 88 -14.99 -21.77 1.93
N ALA B 89 -15.67 -20.62 1.85
CA ALA B 89 -15.24 -19.42 2.55
C ALA B 89 -16.47 -18.54 2.77
N PHE B 90 -16.29 -17.44 3.51
CA PHE B 90 -17.37 -16.50 3.87
C PHE B 90 -16.90 -15.07 3.55
N LEU B 91 -17.82 -14.22 3.09
CA LEU B 91 -17.50 -12.84 2.72
C LEU B 91 -18.02 -11.84 3.75
N LEU B 92 -17.12 -11.02 4.28
CA LEU B 92 -17.49 -9.89 5.14
C LEU B 92 -17.18 -8.60 4.40
N GLN B 93 -18.23 -7.83 4.13
CA GLN B 93 -18.09 -6.55 3.48
C GLN B 93 -18.65 -5.47 4.39
N GLY B 94 -17.86 -4.43 4.68
CA GLY B 94 -18.33 -3.39 5.59
C GLY B 94 -17.50 -2.14 5.64
N GLY B 95 -18.09 -1.07 6.17
CA GLY B 95 -17.45 0.24 6.29
C GLY B 95 -18.47 1.34 6.40
N ASP B 96 -18.04 2.60 6.32
CA ASP B 96 -18.96 3.75 6.37
C ASP B 96 -20.02 3.62 5.28
N CYS B 97 -21.23 4.09 5.57
CA CYS B 97 -22.23 4.25 4.51
C CYS B 97 -21.70 5.21 3.46
N ALA B 98 -21.27 6.40 3.91
CA ALA B 98 -20.71 7.41 3.03
C ALA B 98 -19.36 7.85 3.60
N GLU B 99 -18.28 7.70 2.84
CA GLU B 99 -16.99 8.28 3.23
C GLU B 99 -17.07 9.76 2.96
N THR B 100 -16.47 10.55 3.83
CA THR B 100 -16.33 11.99 3.59
C THR B 100 -14.86 12.39 3.58
N PHE B 101 -14.53 13.40 2.78
CA PHE B 101 -13.17 13.94 2.75
C PHE B 101 -12.79 14.39 4.15
N MET B 102 -13.76 14.99 4.85
CA MET B 102 -13.61 15.52 6.20
C MET B 102 -13.08 14.49 7.21
N ASP B 103 -13.59 13.26 7.16
CA ASP B 103 -13.19 12.18 8.08
C ASP B 103 -12.19 11.17 7.48
N ASN B 104 -11.56 11.52 6.37
CA ASN B 104 -10.56 10.67 5.72
C ASN B 104 -9.22 10.88 6.41
N THR B 105 -9.17 10.51 7.68
CA THR B 105 -8.02 10.75 8.55
C THR B 105 -7.52 9.42 9.08
N GLU B 106 -6.30 9.42 9.58
CA GLU B 106 -5.67 8.22 10.12
C GLU B 106 -6.50 7.51 11.23
N PRO B 107 -6.96 8.25 12.25
CA PRO B 107 -7.75 7.58 13.30
C PRO B 107 -9.05 6.92 12.80
N HIS B 108 -9.74 7.58 11.89
CA HIS B 108 -10.98 7.06 11.34
C HIS B 108 -10.75 5.80 10.49
N ILE B 109 -9.76 5.87 9.59
CA ILE B 109 -9.41 4.72 8.75
C ILE B 109 -8.93 3.54 9.61
N ARG B 110 -8.01 3.79 10.54
CA ARG B 110 -7.53 2.75 11.46
C ARG B 110 -8.66 2.10 12.27
N GLY B 111 -9.61 2.92 12.74
CA GLY B 111 -10.76 2.43 13.48
C GLY B 111 -11.63 1.49 12.66
N ASN B 112 -11.81 1.80 11.38
CA ASN B 112 -12.60 0.95 10.50
C ASN B 112 -11.87 -0.33 10.10
N VAL B 113 -10.58 -0.21 9.82
CA VAL B 113 -9.73 -1.37 9.50
C VAL B 113 -9.72 -2.36 10.66
N ARG B 114 -9.57 -1.83 11.88
CA ARG B 114 -9.57 -2.65 13.08
C ARG B 114 -10.91 -3.34 13.36
N ALA B 115 -12.02 -2.60 13.24
CA ALA B 115 -13.37 -3.16 13.36
C ALA B 115 -13.60 -4.36 12.41
N LEU B 116 -13.20 -4.19 11.15
CA LEU B 116 -13.33 -5.25 10.15
C LEU B 116 -12.48 -6.47 10.53
N LEU B 117 -11.22 -6.26 10.95
CA LEU B 117 -10.37 -7.35 11.44
C LEU B 117 -10.90 -8.06 12.69
N GLN B 118 -11.45 -7.28 13.63
CA GLN B 118 -12.07 -7.84 14.83
C GLN B 118 -13.26 -8.75 14.49
N MET B 119 -14.18 -8.25 13.68
CA MET B 119 -15.35 -9.02 13.25
C MET B 119 -14.93 -10.27 12.49
N ALA B 120 -13.93 -10.13 11.61
CA ALA B 120 -13.42 -11.23 10.77
C ALA B 120 -12.86 -12.43 11.55
N VAL B 121 -12.11 -12.18 12.62
CA VAL B 121 -11.54 -13.30 13.40
C VAL B 121 -12.68 -14.08 14.13
N VAL B 122 -13.67 -13.34 14.61
CA VAL B 122 -14.88 -13.93 15.23
C VAL B 122 -15.67 -14.79 14.24
N LEU B 123 -15.91 -14.25 13.04
CA LEU B 123 -16.62 -14.96 11.98
C LEU B 123 -15.86 -16.20 11.45
N THR B 124 -14.53 -16.07 11.32
CA THR B 124 -13.66 -17.20 10.91
C THR B 124 -13.80 -18.37 11.86
N TYR B 125 -13.79 -18.09 13.17
CA TYR B 125 -13.95 -19.13 14.18
C TYR B 125 -15.31 -19.81 14.12
N GLY B 126 -16.35 -19.00 13.93
CA GLY B 126 -17.72 -19.51 13.83
C GLY B 126 -17.99 -20.31 12.56
N ALA B 127 -17.52 -19.81 11.42
CA ALA B 127 -17.70 -20.44 10.12
C ALA B 127 -16.79 -21.65 9.92
N SER B 128 -15.69 -21.71 10.66
CA SER B 128 -14.67 -22.74 10.48
C SER B 128 -14.18 -22.78 9.04
N MET B 129 -14.01 -21.59 8.45
CA MET B 129 -13.46 -21.44 7.10
C MET B 129 -12.96 -20.00 6.90
N PRO B 130 -12.13 -19.76 5.87
CA PRO B 130 -11.62 -18.40 5.66
C PRO B 130 -12.72 -17.35 5.47
N VAL B 131 -12.45 -16.13 5.92
CA VAL B 131 -13.32 -14.97 5.71
C VAL B 131 -12.57 -13.98 4.83
N VAL B 132 -13.18 -13.62 3.70
CA VAL B 132 -12.65 -12.63 2.79
C VAL B 132 -13.18 -11.27 3.26
N LYS B 133 -12.28 -10.29 3.36
CA LYS B 133 -12.57 -8.98 3.94
C LYS B 133 -12.55 -7.92 2.86
N VAL B 134 -13.70 -7.29 2.65
CA VAL B 134 -13.84 -6.24 1.67
C VAL B 134 -14.40 -5.04 2.39
N ALA B 135 -13.64 -3.96 2.42
CA ALA B 135 -14.04 -2.73 3.07
C ALA B 135 -14.80 -1.85 2.09
N ARG B 136 -15.82 -1.15 2.57
CA ARG B 136 -16.39 -0.01 1.85
C ARG B 136 -15.47 1.17 2.15
N ILE B 137 -14.51 1.40 1.27
CA ILE B 137 -13.45 2.35 1.55
C ILE B 137 -12.76 2.74 0.26
N ALA B 138 -12.04 3.87 0.32
CA ALA B 138 -11.19 4.36 -0.76
C ALA B 138 -11.98 4.59 -2.03
N GLY B 139 -13.18 5.15 -1.88
CA GLY B 139 -14.05 5.36 -3.03
C GLY B 139 -15.54 5.49 -2.83
N GLN B 140 -16.04 5.23 -1.63
CA GLN B 140 -17.48 5.28 -1.37
C GLN B 140 -17.95 6.73 -1.17
N TYR B 141 -17.89 7.50 -2.26
CA TYR B 141 -18.01 8.95 -2.22
C TYR B 141 -19.22 9.48 -2.99
N ALA B 142 -20.06 8.58 -3.49
CA ALA B 142 -21.19 8.96 -4.31
C ALA B 142 -22.42 8.17 -3.86
N LYS B 143 -23.56 8.85 -3.79
CA LYS B 143 -24.82 8.15 -3.56
C LYS B 143 -25.94 8.64 -4.47
N PRO B 144 -26.89 7.74 -4.77
CA PRO B 144 -28.08 8.11 -5.51
C PRO B 144 -29.11 8.76 -4.59
N ARG B 145 -30.06 9.47 -5.19
CA ARG B 145 -31.17 10.07 -4.44
C ARG B 145 -32.48 9.87 -5.16
N SER B 146 -33.53 9.54 -4.42
CA SER B 146 -34.87 9.46 -5.01
C SER B 146 -35.42 10.86 -5.33
N ALA B 147 -35.09 11.84 -4.50
CA ALA B 147 -35.53 13.23 -4.71
C ALA B 147 -34.33 14.14 -5.01
N ASP B 148 -34.42 15.00 -6.02
CA ASP B 148 -33.35 15.96 -6.29
C ASP B 148 -33.41 17.21 -5.38
N ILE B 149 -34.53 17.43 -4.71
CA ILE B 149 -34.65 18.48 -3.71
C ILE B 149 -34.97 17.84 -2.35
N ASP B 150 -34.18 18.17 -1.33
CA ASP B 150 -34.31 17.53 -0.01
C ASP B 150 -35.28 18.28 0.91
N ALA B 151 -35.37 17.86 2.18
CA ALA B 151 -36.33 18.41 3.14
C ALA B 151 -36.12 19.89 3.50
N LEU B 152 -34.91 20.41 3.31
CA LEU B 152 -34.63 21.84 3.50
C LEU B 152 -34.85 22.67 2.24
N GLY B 153 -35.31 22.04 1.16
CA GLY B 153 -35.51 22.75 -0.12
C GLY B 153 -34.25 22.97 -0.93
N LEU B 154 -33.14 22.33 -0.53
CA LEU B 154 -31.87 22.43 -1.25
C LEU B 154 -31.73 21.29 -2.25
N ARG B 155 -30.94 21.49 -3.29
CA ARG B 155 -30.53 20.36 -4.12
C ARG B 155 -29.89 19.31 -3.22
N SER B 156 -30.21 18.04 -3.47
CA SER B 156 -29.78 16.96 -2.61
C SER B 156 -28.26 16.76 -2.58
N TYR B 157 -27.75 16.38 -1.41
CA TYR B 157 -26.38 15.95 -1.25
C TYR B 157 -26.24 14.55 -1.86
N ARG B 158 -25.25 14.38 -2.72
CA ARG B 158 -25.07 13.16 -3.48
C ARG B 158 -23.68 12.56 -3.25
N GLY B 159 -23.05 12.92 -2.14
CA GLY B 159 -21.71 12.42 -1.80
C GLY B 159 -20.61 13.36 -2.27
N ASP B 160 -19.46 13.29 -1.59
CA ASP B 160 -18.37 14.25 -1.80
C ASP B 160 -17.71 14.19 -3.19
N MET B 161 -17.97 13.14 -3.96
CA MET B 161 -17.54 13.10 -5.37
C MET B 161 -18.37 14.04 -6.27
N ILE B 162 -19.52 14.50 -5.77
CA ILE B 162 -20.47 15.27 -6.56
C ILE B 162 -20.64 16.70 -6.01
N ASN B 163 -21.03 16.80 -4.74
CA ASN B 163 -21.28 18.09 -4.11
C ASN B 163 -21.00 18.06 -2.60
N GLY B 164 -21.24 19.17 -1.92
CA GLY B 164 -20.96 19.26 -0.49
C GLY B 164 -22.14 18.96 0.41
N PHE B 165 -21.84 18.43 1.60
CA PHE B 165 -22.83 18.16 2.65
C PHE B 165 -23.47 19.44 3.22
N ALA B 166 -22.74 20.56 3.20
CA ALA B 166 -23.20 21.80 3.84
C ALA B 166 -24.57 22.26 3.34
N PRO B 167 -25.50 22.59 4.25
CA PRO B 167 -26.84 23.00 3.87
C PRO B 167 -26.88 24.43 3.31
N ASP B 168 -26.26 24.62 2.15
CA ASP B 168 -26.41 25.85 1.38
C ASP B 168 -26.28 25.59 -0.12
N ALA B 169 -26.88 26.48 -0.92
CA ALA B 169 -27.09 26.23 -2.35
C ALA B 169 -25.80 26.14 -3.12
N ALA B 170 -24.87 27.03 -2.81
CA ALA B 170 -23.54 27.06 -3.42
C ALA B 170 -22.81 25.74 -3.23
N ALA B 171 -22.84 25.22 -2.01
CA ALA B 171 -22.24 23.92 -1.67
C ALA B 171 -22.85 22.73 -2.45
N ARG B 172 -24.15 22.79 -2.72
CA ARG B 172 -24.87 21.69 -3.38
C ARG B 172 -24.80 21.66 -4.91
N GLU B 173 -24.20 22.67 -5.53
CA GLU B 173 -23.95 22.63 -6.96
C GLU B 173 -22.98 21.51 -7.29
N HIS B 174 -23.20 20.86 -8.44
CA HIS B 174 -22.38 19.73 -8.85
C HIS B 174 -21.04 20.23 -9.38
N ASP B 175 -19.96 19.65 -8.90
CA ASP B 175 -18.63 20.23 -9.08
C ASP B 175 -17.65 19.18 -9.56
N PRO B 176 -17.30 19.24 -10.86
CA PRO B 176 -16.51 18.16 -11.47
C PRO B 176 -15.09 18.01 -10.91
N SER B 177 -14.52 19.08 -10.35
CA SER B 177 -13.21 18.96 -9.67
C SER B 177 -13.23 17.93 -8.51
N ARG B 178 -14.42 17.57 -8.03
CA ARG B 178 -14.56 16.54 -6.99
C ARG B 178 -14.22 15.10 -7.42
N LEU B 179 -14.16 14.86 -8.74
CA LEU B 179 -13.68 13.58 -9.27
C LEU B 179 -12.22 13.34 -8.88
N VAL B 180 -11.43 14.41 -8.98
CA VAL B 180 -9.99 14.41 -8.70
C VAL B 180 -9.69 14.46 -7.20
N ARG B 181 -10.45 15.26 -6.46
CA ARG B 181 -10.39 15.22 -5.01
C ARG B 181 -10.75 13.84 -4.48
N ALA B 182 -11.76 13.20 -5.08
CA ALA B 182 -12.15 11.83 -4.72
C ALA B 182 -11.02 10.82 -4.93
N TYR B 183 -10.34 10.88 -6.08
CA TYR B 183 -9.17 10.06 -6.36
C TYR B 183 -8.07 10.22 -5.30
N ALA B 184 -7.70 11.47 -5.04
CA ALA B 184 -6.67 11.86 -4.08
C ALA B 184 -6.97 11.32 -2.69
N ASN B 185 -8.22 11.44 -2.26
CA ASN B 185 -8.64 10.88 -0.97
C ASN B 185 -8.62 9.35 -1.00
N ALA B 186 -9.06 8.74 -2.10
CA ALA B 186 -9.00 7.27 -2.29
C ALA B 186 -7.57 6.69 -2.23
N SER B 187 -6.65 7.26 -3.01
CA SER B 187 -5.21 6.87 -2.97
C SER B 187 -4.63 6.91 -1.56
N ALA B 188 -4.88 8.02 -0.88
CA ALA B 188 -4.30 8.29 0.44
C ALA B 188 -4.79 7.26 1.46
N ALA B 189 -6.10 7.04 1.46
CA ALA B 189 -6.73 6.04 2.30
C ALA B 189 -6.24 4.63 2.01
N MET B 190 -6.11 4.30 0.73
CA MET B 190 -5.71 2.94 0.33
C MET B 190 -4.25 2.71 0.69
N ASN B 191 -3.43 3.73 0.49
CA ASN B 191 -2.06 3.67 0.97
C ASN B 191 -1.99 3.27 2.44
N LEU B 192 -2.84 3.88 3.27
CA LEU B 192 -2.83 3.65 4.71
C LEU B 192 -3.36 2.26 5.03
N VAL B 193 -4.40 1.80 4.34
CA VAL B 193 -4.94 0.47 4.66
C VAL B 193 -3.95 -0.64 4.31
N ARG B 194 -3.21 -0.48 3.21
CA ARG B 194 -2.10 -1.38 2.88
C ARG B 194 -1.04 -1.41 3.99
N ALA B 195 -0.61 -0.23 4.43
CA ALA B 195 0.32 -0.09 5.56
C ALA B 195 -0.20 -0.75 6.84
N LEU B 196 -1.46 -0.51 7.15
CA LEU B 196 -2.07 -1.01 8.37
C LEU B 196 -2.23 -2.54 8.38
N THR B 197 -2.44 -3.12 7.20
CA THR B 197 -2.70 -4.55 7.11
C THR B 197 -1.41 -5.37 7.10
N SER B 198 -0.25 -4.73 6.87
CA SER B 198 1.03 -5.43 7.06
C SER B 198 1.74 -5.02 8.35
N SER B 199 1.03 -4.33 9.23
CA SER B 199 1.55 -3.89 10.53
C SER B 199 1.10 -4.82 11.69
N GLY B 200 1.32 -4.37 12.92
CA GLY B 200 0.96 -5.17 14.10
C GLY B 200 -0.53 -5.38 14.27
N LEU B 201 -1.33 -4.55 13.57
CA LEU B 201 -2.77 -4.69 13.49
C LEU B 201 -3.14 -6.03 12.85
N ALA B 202 -2.27 -6.52 11.98
CA ALA B 202 -2.43 -7.84 11.38
C ALA B 202 -2.64 -8.91 12.45
N SER B 203 -1.64 -9.10 13.31
CA SER B 203 -1.64 -10.14 14.36
C SER B 203 -3.02 -10.52 14.89
N LEU B 204 -3.39 -11.79 14.74
CA LEU B 204 -4.69 -12.27 15.20
C LEU B 204 -4.84 -12.19 16.71
N HIS B 205 -3.75 -12.36 17.43
CA HIS B 205 -3.78 -12.26 18.90
C HIS B 205 -4.01 -10.85 19.40
N LEU B 206 -3.47 -9.85 18.71
CA LEU B 206 -3.73 -8.44 19.07
C LEU B 206 -5.18 -8.06 18.74
N VAL B 207 -5.61 -8.41 17.53
CA VAL B 207 -6.99 -8.17 17.07
C VAL B 207 -8.04 -8.75 18.05
N HIS B 208 -7.79 -9.95 18.59
CA HIS B 208 -8.78 -10.57 19.48
C HIS B 208 -8.68 -10.08 20.93
N ASP B 209 -7.56 -9.53 21.35
CA ASP B 209 -7.49 -8.83 22.65
C ASP B 209 -8.43 -7.61 22.72
N TRP B 210 -8.60 -6.93 21.58
CA TRP B 210 -9.56 -5.84 21.48
C TRP B 210 -10.99 -6.34 21.72
N ASN B 211 -11.30 -7.52 21.19
CA ASN B 211 -12.63 -8.10 21.37
C ASN B 211 -12.90 -8.44 22.83
N ARG B 212 -11.84 -8.83 23.54
CA ARG B 212 -11.97 -9.20 24.94
C ARG B 212 -12.05 -7.99 25.88
N GLU B 213 -11.41 -6.88 25.48
CA GLU B 213 -11.64 -5.58 26.11
C GLU B 213 -13.07 -5.12 25.87
N PHE B 214 -13.58 -5.38 24.66
CA PHE B 214 -14.99 -5.10 24.34
C PHE B 214 -15.92 -5.90 25.25
N VAL B 215 -15.62 -7.17 25.45
CA VAL B 215 -16.42 -8.05 26.31
C VAL B 215 -16.41 -7.57 27.75
N ARG B 216 -15.25 -7.09 28.20
CA ARG B 216 -15.03 -6.64 29.58
C ARG B 216 -15.78 -5.34 29.91
N THR B 217 -15.89 -4.45 28.92
CA THR B 217 -16.44 -3.12 29.11
C THR B 217 -17.87 -2.94 28.56
N SER B 218 -18.31 -3.84 27.68
CA SER B 218 -19.68 -3.78 27.14
C SER B 218 -20.73 -4.15 28.20
N PRO B 219 -21.87 -3.42 28.24
CA PRO B 219 -22.99 -3.79 29.11
C PRO B 219 -23.60 -5.17 28.83
N ALA B 220 -23.48 -5.65 27.58
CA ALA B 220 -23.97 -6.99 27.20
C ALA B 220 -22.85 -8.02 27.04
N GLY B 221 -21.68 -7.76 27.65
CA GLY B 221 -20.54 -8.65 27.53
C GLY B 221 -20.77 -10.09 27.99
N ALA B 222 -21.63 -10.30 28.97
CA ALA B 222 -21.93 -11.65 29.44
C ALA B 222 -22.57 -12.50 28.34
N ARG B 223 -23.24 -11.86 27.38
CA ARG B 223 -23.81 -12.54 26.21
C ARG B 223 -22.73 -13.17 25.33
N TYR B 224 -21.53 -12.58 25.34
CA TYR B 224 -20.47 -12.92 24.36
C TYR B 224 -19.20 -13.52 24.94
N GLU B 225 -19.10 -13.58 26.27
CA GLU B 225 -17.86 -13.97 26.93
C GLU B 225 -17.46 -15.42 26.68
N ALA B 226 -18.42 -16.34 26.68
CA ALA B 226 -18.10 -17.74 26.44
C ALA B 226 -17.45 -17.90 25.06
N LEU B 227 -18.00 -17.21 24.07
CA LEU B 227 -17.51 -17.35 22.70
C LEU B 227 -16.16 -16.66 22.53
N ALA B 228 -16.00 -15.48 23.14
CA ALA B 228 -14.71 -14.79 23.17
C ALA B 228 -13.60 -15.62 23.82
N THR B 229 -13.94 -16.37 24.86
CA THR B 229 -12.98 -17.19 25.58
C THR B 229 -12.58 -18.43 24.77
N GLU B 230 -13.55 -19.03 24.11
CA GLU B 230 -13.35 -20.14 23.19
C GLU B 230 -12.46 -19.77 22.01
N ILE B 231 -12.67 -18.59 21.43
CA ILE B 231 -11.78 -18.07 20.37
C ILE B 231 -10.34 -17.88 20.86
N ASP B 232 -10.19 -17.32 22.05
CA ASP B 232 -8.89 -17.09 22.65
C ASP B 232 -8.12 -18.41 22.89
N ARG B 233 -8.85 -19.46 23.24
CA ARG B 233 -8.27 -20.80 23.41
C ARG B 233 -7.91 -21.46 22.08
N GLY B 234 -8.68 -21.19 21.04
CA GLY B 234 -8.31 -21.58 19.68
C GLY B 234 -7.00 -20.93 19.20
N LEU B 235 -6.84 -19.64 19.50
CA LEU B 235 -5.63 -18.89 19.14
C LEU B 235 -4.39 -19.34 19.91
N ARG B 236 -4.56 -19.58 21.21
CA ARG B 236 -3.48 -20.07 22.04
C ARG B 236 -3.09 -21.50 21.69
N PHE B 237 -4.08 -22.31 21.29
CA PHE B 237 -3.87 -23.68 20.82
C PHE B 237 -3.02 -23.72 19.55
N MET B 238 -3.38 -22.84 18.62
CA MET B 238 -2.70 -22.69 17.35
C MET B 238 -1.22 -22.37 17.63
N SER B 239 -1.00 -21.43 18.54
CA SER B 239 0.34 -21.08 18.97
C SER B 239 1.06 -22.22 19.73
N ALA B 240 0.32 -22.98 20.54
CA ALA B 240 0.88 -24.13 21.25
C ALA B 240 1.34 -25.25 20.29
N CYS B 241 0.73 -25.30 19.11
CA CYS B 241 1.11 -26.26 18.06
C CYS B 241 2.30 -25.82 17.20
N GLY B 242 2.94 -24.70 17.53
CA GLY B 242 4.10 -24.22 16.79
C GLY B 242 3.83 -23.22 15.68
N VAL B 243 2.56 -22.90 15.41
CA VAL B 243 2.21 -21.91 14.41
C VAL B 243 2.71 -20.54 14.86
N ALA B 251 -2.51 -10.18 6.33
CA ALA B 251 -3.88 -9.66 6.27
C ALA B 251 -4.14 -8.97 4.93
N GLU B 252 -5.22 -9.36 4.24
CA GLU B 252 -5.60 -8.69 3.00
C GLU B 252 -6.98 -8.08 3.17
N ILE B 253 -7.06 -6.76 2.99
CA ILE B 253 -8.34 -6.05 2.96
C ILE B 253 -8.49 -5.43 1.57
N TYR B 254 -9.58 -5.82 0.90
CA TYR B 254 -9.93 -5.31 -0.42
C TYR B 254 -10.79 -4.03 -0.34
N ALA B 255 -10.70 -3.19 -1.36
CA ALA B 255 -11.45 -1.95 -1.45
C ALA B 255 -12.70 -2.16 -2.33
N SER B 256 -13.81 -1.52 -1.94
CA SER B 256 -15.04 -1.56 -2.73
C SER B 256 -15.88 -0.30 -2.56
N HIS B 257 -16.72 -0.03 -3.54
CA HIS B 257 -17.72 1.03 -3.42
C HIS B 257 -18.80 0.76 -4.47
N GLU B 258 -19.92 1.44 -4.36
CA GLU B 258 -20.93 1.38 -5.39
C GLU B 258 -20.41 2.11 -6.61
N ALA B 259 -20.30 1.41 -7.73
CA ALA B 259 -20.01 2.02 -9.02
C ALA B 259 -21.26 2.82 -9.44
N LEU B 260 -21.22 4.12 -9.18
CA LEU B 260 -22.34 5.00 -9.42
C LEU B 260 -22.03 6.06 -10.49
N VAL B 261 -20.92 6.77 -10.33
CA VAL B 261 -20.56 7.90 -11.21
C VAL B 261 -19.69 7.39 -12.34
N LEU B 262 -20.28 7.32 -13.53
CA LEU B 262 -19.62 6.67 -14.65
C LEU B 262 -18.41 7.44 -15.16
N ASP B 263 -18.37 8.75 -14.92
CA ASP B 263 -17.21 9.58 -15.29
C ASP B 263 -15.96 9.16 -14.51
N TYR B 264 -16.16 8.79 -13.25
CA TYR B 264 -15.07 8.34 -12.42
C TYR B 264 -14.64 6.93 -12.77
N GLU B 265 -15.60 6.03 -12.91
CA GLU B 265 -15.28 4.63 -13.18
C GLU B 265 -14.61 4.49 -14.55
N ARG B 266 -15.07 5.22 -15.57
CA ARG B 266 -14.46 5.13 -16.91
C ARG B 266 -13.04 5.70 -16.98
N ALA B 267 -12.80 6.80 -16.26
CA ALA B 267 -11.47 7.40 -16.14
C ALA B 267 -10.46 6.48 -15.48
N MET B 268 -10.92 5.57 -14.64
CA MET B 268 -10.04 4.68 -13.88
C MET B 268 -9.90 3.28 -14.49
N LEU B 269 -10.37 3.10 -15.73
CA LEU B 269 -10.20 1.84 -16.44
C LEU B 269 -8.77 1.74 -16.94
N ARG B 270 -8.21 0.53 -16.93
CA ARG B 270 -6.88 0.28 -17.44
C ARG B 270 -6.89 -1.10 -18.11
N LEU B 271 -6.11 -1.24 -19.17
CA LEU B 271 -6.01 -2.51 -19.89
C LEU B 271 -4.92 -3.39 -19.25
N SER B 272 -5.24 -4.68 -19.09
CA SER B 272 -4.28 -5.68 -18.60
C SER B 272 -4.72 -7.07 -19.09
N ASP B 273 -3.79 -8.02 -19.16
CA ASP B 273 -4.13 -9.40 -19.51
C ASP B 273 -4.90 -10.04 -18.36
N GLY B 274 -6.06 -10.62 -18.67
CA GLY B 274 -6.93 -11.18 -17.63
C GLY B 274 -6.60 -12.63 -17.31
N ASP B 275 -7.55 -13.30 -16.64
CA ASP B 275 -7.39 -14.71 -16.21
C ASP B 275 -7.41 -15.75 -17.35
N ASP B 276 -7.46 -15.28 -18.60
CA ASP B 276 -7.34 -16.14 -19.79
C ASP B 276 -6.16 -15.74 -20.69
N GLY B 277 -5.34 -14.79 -20.23
CA GLY B 277 -4.20 -14.27 -21.00
C GLY B 277 -4.53 -13.29 -22.13
N GLU B 278 -5.82 -12.95 -22.28
CA GLU B 278 -6.22 -11.95 -23.28
C GLU B 278 -6.41 -10.59 -22.59
N PRO B 279 -5.98 -9.49 -23.23
CA PRO B 279 -6.25 -8.15 -22.72
C PRO B 279 -7.71 -7.94 -22.31
N GLN B 280 -7.91 -7.43 -21.10
CA GLN B 280 -9.23 -7.11 -20.53
C GLN B 280 -9.19 -5.75 -19.86
N LEU B 281 -10.35 -5.11 -19.73
CA LEU B 281 -10.48 -3.85 -19.01
C LEU B 281 -10.76 -4.10 -17.54
N PHE B 282 -9.92 -3.52 -16.68
CA PHE B 282 -10.10 -3.57 -15.23
C PHE B 282 -10.42 -2.16 -14.70
N ASP B 283 -11.41 -2.08 -13.82
CA ASP B 283 -11.66 -0.83 -13.12
C ASP B 283 -10.70 -0.84 -11.94
N LEU B 284 -9.70 0.05 -11.99
CA LEU B 284 -8.67 0.10 -10.96
C LEU B 284 -8.90 1.21 -9.93
N SER B 285 -10.17 1.62 -9.77
CA SER B 285 -10.62 2.48 -8.68
C SER B 285 -10.89 1.66 -7.38
N ALA B 286 -10.92 0.35 -7.51
CA ALA B 286 -11.29 -0.57 -6.44
C ALA B 286 -10.95 -2.00 -6.90
N HIS B 287 -11.23 -2.96 -6.03
CA HIS B 287 -11.08 -4.38 -6.35
C HIS B 287 -12.41 -4.96 -6.85
N THR B 288 -13.51 -4.58 -6.20
CA THR B 288 -14.85 -5.01 -6.58
C THR B 288 -15.80 -3.82 -6.42
N VAL B 289 -16.85 -3.81 -7.24
CA VAL B 289 -17.87 -2.78 -7.17
C VAL B 289 -19.24 -3.43 -7.25
N TRP B 290 -20.26 -2.71 -6.80
CA TRP B 290 -21.62 -3.19 -6.92
C TRP B 290 -22.49 -2.12 -7.57
N ILE B 291 -23.64 -2.57 -8.03
CA ILE B 291 -24.61 -1.73 -8.70
C ILE B 291 -25.85 -1.71 -7.82
N GLY B 292 -26.28 -0.50 -7.46
CA GLY B 292 -27.39 -0.32 -6.53
C GLY B 292 -28.77 -0.55 -7.12
N GLU B 293 -29.74 -0.52 -6.24
CA GLU B 293 -31.15 -0.69 -6.57
C GLU B 293 -31.67 0.29 -7.62
N ARG B 294 -31.20 1.54 -7.60
CA ARG B 294 -31.74 2.60 -8.46
C ARG B 294 -30.99 2.76 -9.79
N THR B 295 -29.92 1.98 -9.97
CA THR B 295 -29.11 2.06 -11.18
C THR B 295 -28.93 0.70 -11.90
N ARG B 296 -29.69 -0.30 -11.46
CA ARG B 296 -29.59 -1.67 -12.00
C ARG B 296 -30.53 -1.96 -13.16
N GLN B 297 -31.00 -0.92 -13.85
CA GLN B 297 -31.78 -1.10 -15.07
C GLN B 297 -31.06 -2.09 -15.98
N ILE B 298 -31.76 -3.13 -16.41
CA ILE B 298 -31.13 -4.27 -17.12
C ILE B 298 -30.51 -3.83 -18.45
N ASP B 299 -31.12 -2.85 -19.12
CA ASP B 299 -30.59 -2.28 -20.38
C ASP B 299 -29.91 -0.91 -20.20
N GLY B 300 -29.48 -0.61 -18.97
CA GLY B 300 -28.81 0.66 -18.65
C GLY B 300 -27.29 0.58 -18.71
N ALA B 301 -26.65 1.74 -18.58
CA ALA B 301 -25.20 1.86 -18.68
C ALA B 301 -24.43 1.17 -17.54
N HIS B 302 -25.00 1.11 -16.34
CA HIS B 302 -24.29 0.52 -15.20
C HIS B 302 -24.14 -0.98 -15.35
N ILE B 303 -25.21 -1.65 -15.71
CA ILE B 303 -25.18 -3.10 -15.94
C ILE B 303 -24.29 -3.41 -17.14
N ALA B 304 -24.43 -2.63 -18.23
CA ALA B 304 -23.58 -2.82 -19.41
C ALA B 304 -22.10 -2.57 -19.13
N PHE B 305 -21.79 -1.51 -18.37
CA PHE B 305 -20.42 -1.24 -17.91
C PHE B 305 -19.83 -2.39 -17.09
N ALA B 306 -20.63 -2.92 -16.16
CA ALA B 306 -20.23 -4.10 -15.39
C ALA B 306 -19.91 -5.31 -16.28
N GLN B 307 -20.56 -5.42 -17.44
CA GLN B 307 -20.32 -6.52 -18.36
C GLN B 307 -18.99 -6.40 -19.11
N VAL B 308 -18.45 -5.20 -19.18
CA VAL B 308 -17.21 -4.96 -19.92
C VAL B 308 -15.95 -5.08 -19.05
N ILE B 309 -16.08 -4.97 -17.73
CA ILE B 309 -14.93 -5.01 -16.83
C ILE B 309 -14.67 -6.40 -16.28
N ALA B 310 -13.40 -6.66 -15.97
CA ALA B 310 -12.96 -7.95 -15.44
C ALA B 310 -13.15 -8.13 -13.93
N ASN B 311 -13.43 -7.05 -13.19
CA ASN B 311 -13.60 -7.10 -11.72
C ASN B 311 -14.76 -8.01 -11.30
N PRO B 312 -14.69 -8.62 -10.11
CA PRO B 312 -15.90 -9.20 -9.55
C PRO B 312 -16.95 -8.11 -9.30
N VAL B 313 -18.23 -8.43 -9.54
CA VAL B 313 -19.31 -7.46 -9.39
C VAL B 313 -20.44 -7.96 -8.48
N GLY B 314 -21.18 -7.02 -7.91
CA GLY B 314 -22.37 -7.35 -7.14
C GLY B 314 -23.56 -6.54 -7.61
N VAL B 315 -24.76 -7.11 -7.44
CA VAL B 315 -26.01 -6.41 -7.74
C VAL B 315 -26.91 -6.47 -6.52
N LYS B 316 -27.44 -5.33 -6.09
CA LYS B 316 -28.41 -5.25 -4.99
C LYS B 316 -29.81 -5.67 -5.46
N LEU B 317 -30.45 -6.57 -4.70
CA LEU B 317 -31.79 -7.10 -5.00
C LEU B 317 -32.76 -6.80 -3.87
N GLY B 318 -33.75 -5.95 -4.16
CA GLY B 318 -34.79 -5.62 -3.19
C GLY B 318 -36.06 -6.44 -3.35
N PRO B 319 -37.11 -6.05 -2.60
CA PRO B 319 -38.38 -6.81 -2.51
C PRO B 319 -39.23 -6.86 -3.78
N ASN B 320 -38.93 -6.04 -4.78
CA ASN B 320 -39.59 -6.15 -6.09
C ASN B 320 -38.82 -7.03 -7.06
N MET B 321 -37.78 -7.72 -6.59
CA MET B 321 -37.05 -8.64 -7.46
C MET B 321 -37.90 -9.88 -7.75
N THR B 322 -37.92 -10.28 -9.03
CA THR B 322 -38.50 -11.54 -9.43
C THR B 322 -37.39 -12.56 -9.65
N PRO B 323 -37.68 -13.86 -9.42
CA PRO B 323 -36.76 -14.94 -9.79
C PRO B 323 -36.28 -14.86 -11.24
N GLU B 324 -37.14 -14.39 -12.14
CA GLU B 324 -36.85 -14.33 -13.57
C GLU B 324 -35.84 -13.22 -13.92
N LEU B 325 -35.99 -12.05 -13.31
CA LEU B 325 -35.02 -10.97 -13.51
C LEU B 325 -33.67 -11.31 -12.87
N ALA B 326 -33.66 -11.95 -11.70
CA ALA B 326 -32.44 -12.40 -11.06
C ALA B 326 -31.59 -13.28 -11.96
N VAL B 327 -32.22 -14.25 -12.62
CA VAL B 327 -31.57 -15.14 -13.60
C VAL B 327 -30.98 -14.33 -14.79
N GLU B 328 -31.73 -13.36 -15.30
CA GLU B 328 -31.25 -12.52 -16.40
C GLU B 328 -29.99 -11.72 -16.02
N TYR B 329 -29.94 -11.18 -14.80
CA TYR B 329 -28.71 -10.58 -14.27
C TYR B 329 -27.55 -11.57 -14.26
N VAL B 330 -27.80 -12.78 -13.74
CA VAL B 330 -26.80 -13.86 -13.72
C VAL B 330 -26.28 -14.22 -15.12
N GLU B 331 -27.18 -14.31 -16.08
CA GLU B 331 -26.80 -14.71 -17.44
C GLU B 331 -26.08 -13.61 -18.21
N ARG B 332 -26.42 -12.35 -17.92
CA ARG B 332 -25.69 -11.21 -18.49
C ARG B 332 -24.34 -10.93 -17.83
N LEU B 333 -24.27 -11.10 -16.51
CA LEU B 333 -23.08 -10.73 -15.74
C LEU B 333 -22.11 -11.89 -15.52
N ASP B 334 -22.61 -13.13 -15.54
CA ASP B 334 -21.75 -14.29 -15.41
C ASP B 334 -21.89 -15.19 -16.63
N PRO B 335 -21.66 -14.65 -17.84
CA PRO B 335 -21.94 -15.43 -19.03
C PRO B 335 -21.03 -16.64 -19.20
N HIS B 336 -19.83 -16.62 -18.62
CA HIS B 336 -18.87 -17.73 -18.75
C HIS B 336 -18.92 -18.72 -17.58
N ASN B 337 -19.86 -18.54 -16.66
CA ASN B 337 -20.01 -19.46 -15.53
C ASN B 337 -18.69 -19.51 -14.74
N LYS B 338 -18.29 -18.35 -14.22
CA LYS B 338 -17.12 -18.21 -13.36
C LYS B 338 -17.56 -18.03 -11.91
N PRO B 339 -17.46 -19.10 -11.10
CA PRO B 339 -17.81 -18.98 -9.67
C PRO B 339 -17.22 -17.75 -8.98
N GLY B 340 -18.09 -16.95 -8.34
CA GLY B 340 -17.65 -15.79 -7.57
C GLY B 340 -17.54 -14.46 -8.30
N ARG B 341 -17.70 -14.50 -9.62
CA ARG B 341 -17.67 -13.30 -10.45
C ARG B 341 -18.86 -12.39 -10.12
N LEU B 342 -20.00 -13.01 -9.83
CA LEU B 342 -21.21 -12.28 -9.47
C LEU B 342 -21.66 -12.55 -8.03
N THR B 343 -21.98 -11.46 -7.33
CA THR B 343 -22.62 -11.54 -6.02
C THR B 343 -24.03 -10.94 -6.11
N LEU B 344 -25.00 -11.64 -5.54
CA LEU B 344 -26.37 -11.13 -5.48
C LEU B 344 -26.63 -10.76 -4.03
N VAL B 345 -26.85 -9.47 -3.81
CA VAL B 345 -26.91 -8.90 -2.48
C VAL B 345 -28.37 -8.68 -2.11
N SER B 346 -28.87 -9.54 -1.24
CA SER B 346 -30.26 -9.52 -0.80
C SER B 346 -30.48 -8.44 0.26
N ARG B 347 -31.46 -7.57 0.02
CA ARG B 347 -31.96 -6.62 1.04
C ARG B 347 -33.49 -6.49 0.93
N MET B 348 -34.20 -7.38 1.62
CA MET B 348 -35.66 -7.50 1.49
C MET B 348 -36.44 -6.82 2.61
N GLY B 349 -35.81 -6.60 3.75
CA GLY B 349 -36.53 -6.28 4.99
C GLY B 349 -36.65 -7.55 5.82
N ASN B 350 -36.54 -7.42 7.14
CA ASN B 350 -36.54 -8.61 8.01
C ASN B 350 -37.87 -9.38 7.96
N HIS B 351 -38.96 -8.64 7.79
CA HIS B 351 -40.30 -9.21 7.68
C HIS B 351 -40.62 -9.81 6.31
N LYS B 352 -39.77 -9.56 5.29
CA LYS B 352 -40.02 -10.06 3.92
C LYS B 352 -39.02 -11.12 3.42
N VAL B 353 -37.85 -11.20 4.03
CA VAL B 353 -36.76 -12.04 3.49
C VAL B 353 -37.11 -13.53 3.46
N ARG B 354 -37.83 -14.00 4.49
CA ARG B 354 -38.17 -15.42 4.57
C ARG B 354 -39.11 -15.87 3.47
N ASP B 355 -40.00 -14.99 3.03
CA ASP B 355 -40.95 -15.28 1.96
C ASP B 355 -40.41 -14.97 0.57
N LEU B 356 -39.71 -13.85 0.42
CA LEU B 356 -39.30 -13.35 -0.92
C LEU B 356 -38.04 -13.99 -1.49
N LEU B 357 -37.09 -14.36 -0.63
CA LEU B 357 -35.81 -14.89 -1.09
C LEU B 357 -35.82 -16.34 -1.66
N PRO B 358 -36.49 -17.31 -1.00
CA PRO B 358 -36.41 -18.69 -1.49
C PRO B 358 -36.68 -18.88 -2.99
N PRO B 359 -37.77 -18.29 -3.55
CA PRO B 359 -38.00 -18.44 -4.99
C PRO B 359 -36.86 -17.90 -5.86
N ILE B 360 -36.23 -16.81 -5.42
CA ILE B 360 -35.08 -16.23 -6.14
C ILE B 360 -33.90 -17.21 -6.14
N VAL B 361 -33.57 -17.73 -4.96
CA VAL B 361 -32.47 -18.69 -4.81
C VAL B 361 -32.66 -20.00 -5.58
N GLU B 362 -33.85 -20.59 -5.52
CA GLU B 362 -34.17 -21.81 -6.27
C GLU B 362 -33.99 -21.65 -7.78
N LYS B 363 -34.53 -20.57 -8.34
CA LYS B 363 -34.47 -20.33 -9.78
C LYS B 363 -33.01 -20.12 -10.26
N VAL B 364 -32.22 -19.42 -9.46
CA VAL B 364 -30.80 -19.16 -9.79
C VAL B 364 -29.96 -20.42 -9.61
N GLN B 365 -30.19 -21.16 -8.54
CA GLN B 365 -29.44 -22.41 -8.37
C GLN B 365 -29.65 -23.36 -9.55
N ALA B 366 -30.87 -23.41 -10.07
CA ALA B 366 -31.23 -24.29 -11.19
C ALA B 366 -30.57 -23.95 -12.53
N THR B 367 -30.00 -22.74 -12.67
CA THR B 367 -29.27 -22.36 -13.88
C THR B 367 -27.89 -23.05 -14.00
N GLY B 368 -27.38 -23.60 -12.91
CA GLY B 368 -26.01 -24.14 -12.90
C GLY B 368 -24.90 -23.13 -12.58
N HIS B 369 -25.23 -21.86 -12.41
CA HIS B 369 -24.24 -20.84 -12.02
C HIS B 369 -24.04 -20.80 -10.52
N GLN B 370 -22.84 -20.42 -10.10
CA GLN B 370 -22.48 -20.37 -8.69
C GLN B 370 -22.23 -18.94 -8.29
N VAL B 371 -23.30 -18.27 -7.88
CA VAL B 371 -23.18 -16.91 -7.38
C VAL B 371 -22.87 -16.97 -5.89
N ILE B 372 -22.42 -15.85 -5.35
CA ILE B 372 -22.34 -15.68 -3.91
C ILE B 372 -23.63 -15.03 -3.49
N TRP B 373 -24.29 -15.61 -2.49
CA TRP B 373 -25.45 -15.01 -1.87
C TRP B 373 -24.98 -14.23 -0.65
N GLN B 374 -25.24 -12.92 -0.66
CA GLN B 374 -24.80 -12.03 0.41
C GLN B 374 -26.00 -11.31 1.01
N CYS B 375 -26.05 -11.23 2.33
CA CYS B 375 -27.11 -10.51 3.04
C CYS B 375 -26.74 -9.06 3.33
N ASP B 376 -27.62 -8.14 2.94
CA ASP B 376 -27.56 -6.74 3.34
C ASP B 376 -28.71 -6.48 4.31
N PRO B 377 -28.47 -6.62 5.63
CA PRO B 377 -29.55 -6.49 6.59
C PRO B 377 -29.89 -5.03 6.97
N MET B 378 -29.27 -4.05 6.29
CA MET B 378 -29.33 -2.63 6.68
C MET B 378 -30.41 -1.87 5.90
N HIS B 379 -30.31 -1.95 4.58
CA HIS B 379 -31.05 -1.07 3.67
C HIS B 379 -32.54 -1.38 3.51
N GLY B 380 -32.97 -2.58 3.87
CA GLY B 380 -34.40 -2.92 3.84
C GLY B 380 -35.11 -2.60 5.16
N ASN B 381 -34.36 -2.10 6.14
CA ASN B 381 -34.84 -1.91 7.51
C ASN B 381 -34.63 -0.50 8.10
N THR B 382 -34.78 0.55 7.28
CA THR B 382 -34.57 1.94 7.77
C THR B 382 -35.91 2.64 8.05
N HIS B 383 -35.94 3.44 9.12
CA HIS B 383 -37.12 4.23 9.53
C HIS B 383 -36.71 5.57 10.16
N GLU B 384 -37.56 6.58 10.03
CA GLU B 384 -37.32 7.91 10.64
C GLU B 384 -37.84 7.94 12.08
N SER B 385 -36.96 8.28 13.02
CA SER B 385 -37.33 8.42 14.44
C SER B 385 -38.17 9.67 14.67
N SER B 386 -38.84 9.72 15.83
CA SER B 386 -39.68 10.88 16.20
C SER B 386 -38.85 12.14 16.45
N THR B 387 -37.59 11.96 16.84
CA THR B 387 -36.63 13.05 17.03
C THR B 387 -36.08 13.61 15.69
N GLY B 388 -36.47 13.00 14.58
CA GLY B 388 -36.15 13.52 13.24
C GLY B 388 -34.85 12.99 12.63
N PHE B 389 -34.44 11.81 13.06
CA PHE B 389 -33.24 11.15 12.55
C PHE B 389 -33.61 9.83 11.87
N LYS B 390 -33.07 9.60 10.68
CA LYS B 390 -33.20 8.27 10.05
C LYS B 390 -32.31 7.27 10.81
N THR B 391 -32.88 6.11 11.13
CA THR B 391 -32.29 5.17 12.08
C THR B 391 -32.68 3.73 11.74
N ARG B 392 -31.98 2.76 12.33
CA ARG B 392 -32.27 1.33 12.16
C ARG B 392 -32.30 0.65 13.51
N HIS B 393 -33.21 -0.30 13.71
CA HIS B 393 -33.20 -1.07 14.94
C HIS B 393 -32.34 -2.33 14.79
N PHE B 394 -31.52 -2.56 15.80
CA PHE B 394 -30.60 -3.69 15.89
C PHE B 394 -31.32 -5.04 15.75
N ASP B 395 -32.47 -5.19 16.39
CA ASP B 395 -33.25 -6.43 16.34
C ASP B 395 -33.75 -6.79 14.94
N ARG B 396 -33.99 -5.77 14.11
CA ARG B 396 -34.46 -5.99 12.74
C ARG B 396 -33.31 -6.39 11.82
N ILE B 397 -32.15 -5.78 12.07
CA ILE B 397 -30.91 -6.10 11.37
C ILE B 397 -30.50 -7.54 11.65
N VAL B 398 -30.59 -7.95 12.91
CA VAL B 398 -30.25 -9.31 13.33
C VAL B 398 -31.25 -10.30 12.79
N ASP B 399 -32.51 -9.90 12.75
CA ASP B 399 -33.57 -10.78 12.29
C ASP B 399 -33.53 -11.06 10.78
N GLU B 400 -33.10 -10.07 9.99
CA GLU B 400 -32.95 -10.32 8.55
C GLU B 400 -31.80 -11.28 8.26
N VAL B 401 -30.65 -11.11 8.93
CA VAL B 401 -29.52 -12.03 8.77
C VAL B 401 -29.91 -13.45 9.18
N GLN B 402 -30.65 -13.55 10.28
CA GLN B 402 -31.19 -14.81 10.77
C GLN B 402 -32.11 -15.50 9.77
N GLY B 403 -33.08 -14.74 9.25
CA GLY B 403 -33.99 -15.24 8.23
C GLY B 403 -33.28 -15.66 6.95
N PHE B 404 -32.25 -14.91 6.58
CA PHE B 404 -31.36 -15.24 5.47
C PHE B 404 -30.70 -16.61 5.68
N PHE B 405 -30.16 -16.85 6.87
CA PHE B 405 -29.58 -18.17 7.20
C PHE B 405 -30.61 -19.29 7.14
N GLU B 406 -31.83 -19.04 7.65
CA GLU B 406 -32.92 -20.03 7.61
C GLU B 406 -33.32 -20.39 6.18
N VAL B 407 -33.42 -19.39 5.30
CA VAL B 407 -33.74 -19.65 3.90
C VAL B 407 -32.71 -20.60 3.26
N HIS B 408 -31.44 -20.36 3.57
CA HIS B 408 -30.35 -21.15 3.01
C HIS B 408 -30.23 -22.55 3.61
N ARG B 409 -30.47 -22.69 4.92
CA ARG B 409 -30.49 -24.02 5.54
C ARG B 409 -31.53 -24.92 4.86
N ALA B 410 -32.74 -24.37 4.67
CA ALA B 410 -33.87 -25.11 4.12
C ALA B 410 -33.65 -25.55 2.68
N LEU B 411 -32.97 -24.73 1.89
CA LEU B 411 -32.71 -25.04 0.47
C LEU B 411 -31.41 -25.83 0.26
N GLY B 412 -30.59 -25.91 1.29
CA GLY B 412 -29.27 -26.58 1.21
C GLY B 412 -28.21 -25.74 0.53
N THR B 413 -28.43 -24.43 0.42
CA THR B 413 -27.49 -23.54 -0.26
C THR B 413 -26.57 -22.85 0.74
N HIS B 414 -25.57 -22.15 0.24
CA HIS B 414 -24.53 -21.50 1.07
C HIS B 414 -24.88 -20.04 1.38
N PRO B 415 -25.06 -19.71 2.67
CA PRO B 415 -25.13 -18.30 3.04
C PRO B 415 -23.71 -17.71 2.99
N GLY B 416 -23.45 -16.91 1.95
CA GLY B 416 -22.07 -16.59 1.55
C GLY B 416 -21.43 -15.41 2.25
N GLY B 417 -22.24 -14.51 2.78
CA GLY B 417 -21.69 -13.36 3.46
C GLY B 417 -22.69 -12.33 3.91
N ILE B 418 -22.14 -11.23 4.42
CA ILE B 418 -22.92 -10.10 4.90
C ILE B 418 -22.29 -8.80 4.39
N HIS B 419 -23.16 -7.83 4.13
CA HIS B 419 -22.77 -6.52 3.64
C HIS B 419 -23.35 -5.54 4.65
N VAL B 420 -22.47 -4.90 5.40
CA VAL B 420 -22.86 -4.17 6.61
C VAL B 420 -22.24 -2.76 6.58
N GLU B 421 -22.88 -1.81 7.26
CA GLU B 421 -22.38 -0.46 7.34
C GLU B 421 -22.07 -0.13 8.78
N ILE B 422 -20.80 0.22 9.03
CA ILE B 422 -20.22 0.28 10.38
C ILE B 422 -19.21 1.40 10.52
N THR B 423 -18.84 1.69 11.76
CA THR B 423 -17.73 2.62 12.05
C THR B 423 -16.98 2.19 13.33
N GLY B 424 -15.68 2.47 13.36
CA GLY B 424 -14.87 2.28 14.56
C GLY B 424 -15.11 3.31 15.66
N GLU B 425 -16.04 4.25 15.46
CA GLU B 425 -16.39 5.27 16.45
C GLU B 425 -17.65 4.90 17.24
N ASN B 426 -17.69 5.35 18.49
CA ASN B 426 -18.85 5.19 19.36
C ASN B 426 -19.94 6.22 18.99
N VAL B 427 -20.52 6.05 17.80
CA VAL B 427 -21.60 6.93 17.35
C VAL B 427 -22.92 6.50 17.99
N THR B 428 -23.92 7.36 17.88
CA THR B 428 -25.28 7.08 18.34
C THR B 428 -26.24 7.23 17.13
N GLU B 429 -26.27 6.21 16.29
CA GLU B 429 -26.98 6.28 15.00
C GLU B 429 -28.06 5.20 14.82
N CYS B 430 -27.73 3.96 15.18
CA CYS B 430 -28.69 2.84 15.18
C CYS B 430 -29.23 2.60 16.60
N LEU B 431 -30.54 2.41 16.71
CA LEU B 431 -31.20 2.09 17.98
C LEU B 431 -30.89 0.69 18.48
N GLY B 432 -30.69 0.57 19.80
CA GLY B 432 -30.54 -0.72 20.45
C GLY B 432 -29.10 -1.16 20.68
N GLY B 433 -28.88 -2.47 20.69
CA GLY B 433 -27.59 -3.07 21.02
C GLY B 433 -27.45 -3.23 22.53
N ALA B 434 -26.21 -3.48 22.97
CA ALA B 434 -25.90 -3.59 24.41
C ALA B 434 -26.13 -2.25 25.12
N GLN B 435 -25.72 -1.17 24.48
CA GLN B 435 -25.91 0.19 25.00
C GLN B 435 -27.38 0.62 25.09
N ASP B 436 -28.25 -0.08 24.35
CA ASP B 436 -29.70 0.22 24.31
C ASP B 436 -29.93 1.69 23.93
N ILE B 437 -29.39 2.08 22.78
CA ILE B 437 -29.49 3.46 22.30
C ILE B 437 -30.96 3.79 22.02
N SER B 438 -31.43 4.91 22.58
CA SER B 438 -32.82 5.34 22.46
C SER B 438 -32.97 6.46 21.45
N GLU B 439 -34.21 6.88 21.20
CA GLU B 439 -34.48 7.99 20.27
C GLU B 439 -33.87 9.31 20.75
N THR B 440 -33.90 9.54 22.07
CA THR B 440 -33.32 10.73 22.69
C THR B 440 -31.77 10.73 22.67
N ASP B 441 -31.17 9.54 22.70
CA ASP B 441 -29.71 9.39 22.62
C ASP B 441 -29.14 9.61 21.22
N LEU B 442 -29.97 9.46 20.18
CA LEU B 442 -29.53 9.62 18.78
C LEU B 442 -28.93 10.99 18.48
N ALA B 443 -29.34 12.02 19.22
CA ALA B 443 -28.79 13.38 19.06
C ALA B 443 -27.36 13.53 19.61
N GLY B 444 -26.94 12.61 20.48
CA GLY B 444 -25.62 12.65 21.12
C GLY B 444 -24.46 12.91 20.17
N ARG B 445 -24.17 11.94 19.32
CA ARG B 445 -23.35 12.19 18.13
C ARG B 445 -23.76 11.34 16.92
N TYR B 446 -24.79 11.82 16.23
CA TYR B 446 -25.21 11.33 14.93
C TYR B 446 -24.30 11.98 13.89
N GLU B 447 -23.29 11.23 13.45
CA GLU B 447 -22.19 11.79 12.66
C GLU B 447 -22.18 11.39 11.18
N THR B 448 -22.99 10.39 10.81
CA THR B 448 -23.02 9.92 9.42
C THR B 448 -23.43 11.01 8.44
N ALA B 449 -22.79 11.01 7.27
CA ALA B 449 -23.13 11.91 6.16
C ALA B 449 -24.37 11.41 5.40
N CYS B 450 -24.79 10.17 5.67
CA CYS B 450 -25.95 9.58 5.02
C CYS B 450 -26.72 8.64 5.98
N ASP B 451 -26.59 7.31 5.79
CA ASP B 451 -27.37 6.35 6.57
C ASP B 451 -26.71 6.07 7.93
N PRO B 452 -27.52 5.66 8.92
CA PRO B 452 -27.00 5.30 10.27
C PRO B 452 -26.05 4.09 10.29
N ARG B 453 -24.88 4.24 10.90
CA ARG B 453 -23.94 3.12 11.03
C ARG B 453 -24.07 2.43 12.40
N LEU B 454 -23.88 1.11 12.40
CA LEU B 454 -23.67 0.37 13.63
C LEU B 454 -22.33 0.84 14.20
N ASN B 455 -22.32 1.26 15.46
CA ASN B 455 -21.08 1.75 16.06
C ASN B 455 -20.05 0.63 16.36
N THR B 456 -18.94 1.01 16.98
CA THR B 456 -17.93 0.07 17.44
C THR B 456 -18.58 -1.17 18.10
N GLN B 457 -19.34 -0.96 19.17
CA GLN B 457 -19.95 -2.05 19.96
C GLN B 457 -20.95 -2.89 19.16
N GLN B 458 -21.90 -2.23 18.49
CA GLN B 458 -22.97 -2.93 17.75
C GLN B 458 -22.49 -3.77 16.53
N SER B 459 -21.40 -3.35 15.92
CA SER B 459 -20.78 -4.11 14.83
C SER B 459 -20.16 -5.40 15.36
N LEU B 460 -19.47 -5.29 16.48
CA LEU B 460 -18.89 -6.45 17.14
C LEU B 460 -19.96 -7.43 17.61
N GLU B 461 -21.04 -6.90 18.18
CA GLU B 461 -22.17 -7.73 18.60
C GLU B 461 -22.75 -8.56 17.47
N LEU B 462 -22.94 -7.93 16.32
CA LEU B 462 -23.51 -8.62 15.16
C LEU B 462 -22.58 -9.73 14.66
N ALA B 463 -21.27 -9.45 14.65
CA ALA B 463 -20.27 -10.47 14.24
C ALA B 463 -20.35 -11.70 15.15
N PHE B 464 -20.44 -11.48 16.46
CA PHE B 464 -20.66 -12.56 17.43
C PHE B 464 -21.96 -13.33 17.20
N LEU B 465 -23.03 -12.61 16.87
CA LEU B 465 -24.34 -13.24 16.65
C LEU B 465 -24.35 -14.03 15.36
N VAL B 466 -23.79 -13.45 14.31
CA VAL B 466 -23.64 -14.14 13.03
C VAL B 466 -22.70 -15.34 13.13
N ALA B 467 -21.66 -15.26 13.97
CA ALA B 467 -20.76 -16.40 14.21
C ALA B 467 -21.52 -17.57 14.83
N GLU B 468 -22.46 -17.28 15.70
CA GLU B 468 -23.35 -18.32 16.24
C GLU B 468 -24.23 -18.93 15.16
N MET B 469 -24.78 -18.08 14.30
CA MET B 469 -25.57 -18.54 13.16
C MET B 469 -24.79 -19.47 12.25
N LEU B 470 -23.49 -19.21 12.09
CA LEU B 470 -22.63 -20.02 11.23
C LEU B 470 -22.27 -21.38 11.83
N ARG B 471 -22.34 -21.50 13.15
CA ARG B 471 -21.99 -22.77 13.80
C ARG B 471 -22.87 -23.92 13.31
N ASP B 472 -22.21 -25.07 13.16
CA ASP B 472 -22.67 -26.22 12.35
C ASP B 472 -24.13 -26.63 12.51
N GLU C 13 51.87 -42.75 -30.55
CA GLU C 13 51.12 -41.60 -31.12
C GLU C 13 50.65 -40.66 -30.02
N ILE C 14 50.04 -41.23 -28.98
CA ILE C 14 49.54 -40.45 -27.83
C ILE C 14 50.71 -39.83 -27.06
N ASP C 15 51.79 -40.59 -26.90
CA ASP C 15 53.01 -40.09 -26.28
C ASP C 15 53.54 -38.86 -27.02
N THR C 16 53.54 -38.93 -28.36
CA THR C 16 53.99 -37.83 -29.22
C THR C 16 53.07 -36.61 -29.14
N LEU C 17 51.76 -36.85 -29.25
CA LEU C 17 50.75 -35.79 -29.21
C LEU C 17 50.69 -35.11 -27.84
N ARG C 18 50.95 -35.86 -26.78
CA ARG C 18 51.04 -35.29 -25.44
C ARG C 18 52.31 -34.45 -25.26
N GLU C 19 53.37 -34.80 -25.99
CA GLU C 19 54.62 -34.03 -25.94
C GLU C 19 54.44 -32.61 -26.47
N GLU C 20 53.53 -32.41 -27.42
CA GLU C 20 53.29 -31.08 -27.97
C GLU C 20 52.23 -30.30 -27.21
N ILE C 21 51.28 -30.99 -26.57
CA ILE C 21 50.42 -30.34 -25.59
C ILE C 21 51.28 -29.72 -24.50
N ASP C 22 52.30 -30.45 -24.06
CA ASP C 22 53.24 -29.95 -23.04
C ASP C 22 53.96 -28.68 -23.50
N ARG C 23 54.47 -28.68 -24.74
CA ARG C 23 55.12 -27.51 -25.31
C ARG C 23 54.14 -26.34 -25.44
N LEU C 24 52.92 -26.65 -25.85
CA LEU C 24 51.86 -25.65 -25.99
C LEU C 24 51.47 -25.03 -24.65
N ASP C 25 51.35 -25.84 -23.60
CA ASP C 25 50.97 -25.36 -22.28
C ASP C 25 52.04 -24.47 -21.62
N ALA C 26 53.31 -24.71 -21.94
CA ALA C 26 54.42 -23.88 -21.44
C ALA C 26 54.53 -22.56 -22.22
N GLU C 27 54.06 -22.59 -23.46
CA GLU C 27 54.05 -21.44 -24.36
C GLU C 27 52.90 -20.51 -23.98
N ILE C 28 51.74 -21.10 -23.75
CA ILE C 28 50.54 -20.36 -23.31
C ILE C 28 50.80 -19.72 -21.94
N LEU C 29 51.32 -20.53 -21.02
CA LEU C 29 51.68 -20.06 -19.66
C LEU C 29 52.60 -18.84 -19.71
N ALA C 30 53.59 -18.88 -20.59
CA ALA C 30 54.57 -17.80 -20.71
C ALA C 30 53.97 -16.52 -21.30
N LEU C 31 53.10 -16.66 -22.30
CA LEU C 31 52.41 -15.51 -22.88
C LEU C 31 51.39 -14.91 -21.92
N VAL C 32 50.68 -15.77 -21.19
CA VAL C 32 49.71 -15.31 -20.19
C VAL C 32 50.40 -14.52 -19.07
N LYS C 33 51.55 -14.99 -18.61
CA LYS C 33 52.35 -14.25 -17.63
C LYS C 33 52.73 -12.85 -18.15
N ARG C 34 53.24 -12.81 -19.39
CA ARG C 34 53.66 -11.56 -20.01
C ARG C 34 52.52 -10.55 -20.10
N ARG C 35 51.35 -11.03 -20.53
CA ARG C 35 50.15 -10.20 -20.69
C ARG C 35 49.74 -9.51 -19.39
N ALA C 36 49.81 -10.25 -18.29
CA ALA C 36 49.48 -9.73 -16.97
C ALA C 36 50.39 -8.57 -16.56
N GLU C 37 51.68 -8.66 -16.91
CA GLU C 37 52.65 -7.58 -16.62
C GLU C 37 52.37 -6.33 -17.45
N VAL C 38 52.00 -6.53 -18.72
CA VAL C 38 51.70 -5.43 -19.64
C VAL C 38 50.42 -4.70 -19.23
N SER C 39 49.39 -5.48 -18.90
CA SER C 39 48.12 -4.97 -18.40
C SER C 39 48.31 -4.12 -17.13
N LYS C 40 49.07 -4.67 -16.18
CA LYS C 40 49.39 -3.99 -14.93
C LYS C 40 50.08 -2.64 -15.18
N ALA C 41 51.00 -2.62 -16.15
CA ALA C 41 51.75 -1.42 -16.51
C ALA C 41 50.87 -0.33 -17.15
N ILE C 42 49.89 -0.76 -17.95
CA ILE C 42 48.94 0.17 -18.58
C ILE C 42 48.06 0.83 -17.52
N GLY C 43 47.54 0.01 -16.60
CA GLY C 43 46.71 0.49 -15.50
C GLY C 43 47.46 1.39 -14.54
N LYS C 44 48.73 1.11 -14.31
CA LYS C 44 49.59 1.94 -13.46
C LYS C 44 49.85 3.31 -14.10
N ALA C 45 50.18 3.30 -15.39
CA ALA C 45 50.37 4.54 -16.16
C ALA C 45 49.10 5.41 -16.20
N ARG C 46 47.95 4.79 -16.46
CA ARG C 46 46.69 5.54 -16.54
C ARG C 46 46.25 6.10 -15.20
N MET C 47 46.33 5.28 -14.15
CA MET C 47 45.94 5.71 -12.81
C MET C 47 46.88 6.80 -12.28
N ALA C 48 48.15 6.73 -12.68
CA ALA C 48 49.13 7.77 -12.34
C ALA C 48 48.66 9.14 -12.84
N SER C 49 48.10 9.18 -14.04
CA SER C 49 47.65 10.42 -14.66
C SER C 49 46.20 10.78 -14.30
N GLY C 50 45.72 10.30 -13.16
CA GLY C 50 44.37 10.60 -12.70
C GLY C 50 43.26 9.83 -13.39
N GLY C 51 43.62 8.81 -14.17
CA GLY C 51 42.64 8.02 -14.93
C GLY C 51 42.00 6.90 -14.14
N THR C 52 40.97 6.29 -14.71
CA THR C 52 40.24 5.20 -14.02
C THR C 52 41.06 3.90 -13.98
N ARG C 53 40.63 3.01 -13.09
CA ARG C 53 41.29 1.71 -12.88
C ARG C 53 41.06 0.79 -14.08
N LEU C 54 39.78 0.69 -14.44
CA LEU C 54 39.31 -0.17 -15.52
C LEU C 54 38.70 0.71 -16.61
N VAL C 55 38.66 0.17 -17.84
CA VAL C 55 38.04 0.86 -18.97
C VAL C 55 37.05 -0.09 -19.66
N HIS C 56 35.77 0.16 -19.45
CA HIS C 56 34.71 -0.77 -19.81
C HIS C 56 34.71 -1.20 -21.28
N SER C 57 34.78 -0.24 -22.19
CA SER C 57 34.71 -0.50 -23.63
C SER C 57 35.92 -1.26 -24.15
N ARG C 58 37.05 -1.10 -23.49
CA ARG C 58 38.26 -1.84 -23.84
C ARG C 58 38.13 -3.33 -23.44
N GLU C 59 37.67 -3.57 -22.22
CA GLU C 59 37.42 -4.94 -21.75
C GLU C 59 36.39 -5.68 -22.62
N MET C 60 35.44 -4.94 -23.19
CA MET C 60 34.52 -5.52 -24.18
C MET C 60 35.22 -5.96 -25.47
N LYS C 61 36.19 -5.17 -25.93
CA LYS C 61 36.98 -5.53 -27.12
C LYS C 61 37.81 -6.79 -26.87
N VAL C 62 38.34 -6.89 -25.65
CA VAL C 62 39.15 -8.05 -25.23
C VAL C 62 38.29 -9.31 -25.14
N ILE C 63 37.07 -9.17 -24.61
CA ILE C 63 36.12 -10.28 -24.56
C ILE C 63 35.71 -10.75 -25.98
N GLU C 64 35.50 -9.79 -26.88
CA GLU C 64 35.06 -10.07 -28.25
C GLU C 64 36.06 -10.87 -29.09
N ARG C 65 37.35 -10.56 -28.99
CA ARG C 65 38.36 -11.23 -29.80
C ARG C 65 38.77 -12.63 -29.33
N TYR C 66 38.04 -13.18 -28.38
CA TYR C 66 38.14 -14.60 -28.02
C TYR C 66 36.88 -15.37 -28.36
N SER C 67 35.92 -14.74 -29.06
CA SER C 67 34.64 -15.36 -29.39
C SER C 67 34.75 -16.46 -30.45
N GLU C 68 35.92 -16.58 -31.08
CA GLU C 68 36.17 -17.66 -32.03
C GLU C 68 36.22 -19.00 -31.31
N LEU C 69 36.58 -18.98 -30.03
CA LEU C 69 36.66 -20.18 -29.22
C LEU C 69 35.29 -20.77 -28.88
N GLY C 70 34.23 -19.99 -29.11
CA GLY C 70 32.87 -20.40 -28.79
C GLY C 70 32.45 -19.82 -27.44
N PRO C 71 31.47 -20.45 -26.77
CA PRO C 71 30.98 -20.00 -25.47
C PRO C 71 32.04 -19.82 -24.36
N ASP C 72 33.10 -20.61 -24.40
CA ASP C 72 34.19 -20.53 -23.40
C ASP C 72 35.17 -19.38 -23.61
N GLY C 73 35.06 -18.68 -24.72
CA GLY C 73 35.98 -17.61 -25.07
C GLY C 73 35.88 -16.39 -24.18
N LYS C 74 34.65 -15.98 -23.91
CA LYS C 74 34.41 -14.85 -23.02
C LYS C 74 34.95 -15.14 -21.61
N ASP C 75 34.91 -16.39 -21.21
CA ASP C 75 35.40 -16.82 -19.90
C ASP C 75 36.92 -16.84 -19.83
N LEU C 76 37.57 -17.13 -20.95
CA LEU C 76 39.02 -17.04 -21.04
C LEU C 76 39.46 -15.57 -21.00
N ALA C 77 38.75 -14.71 -21.72
CA ALA C 77 39.05 -13.28 -21.71
C ALA C 77 38.89 -12.68 -20.32
N ILE C 78 37.76 -12.95 -19.67
CA ILE C 78 37.50 -12.43 -18.32
C ILE C 78 38.56 -12.92 -17.34
N LEU C 79 39.00 -14.15 -17.53
CA LEU C 79 40.08 -14.74 -16.74
C LEU C 79 41.40 -13.96 -16.95
N LEU C 80 41.70 -13.59 -18.19
CA LEU C 80 42.90 -12.82 -18.51
C LEU C 80 42.82 -11.37 -18.02
N LEU C 81 41.62 -10.79 -18.04
CA LEU C 81 41.42 -9.46 -17.47
C LEU C 81 41.66 -9.50 -15.95
N ARG C 82 41.15 -10.52 -15.28
CA ARG C 82 41.37 -10.67 -13.82
C ARG C 82 42.85 -10.72 -13.48
N LEU C 83 43.62 -11.49 -14.25
CA LEU C 83 45.05 -11.62 -14.05
C LEU C 83 45.79 -10.28 -14.24
N GLY C 84 45.28 -9.45 -15.15
CA GLY C 84 45.89 -8.15 -15.45
C GLY C 84 45.51 -7.02 -14.50
N ARG C 85 44.22 -6.75 -14.37
CA ARG C 85 43.74 -5.65 -13.50
C ARG C 85 43.20 -6.10 -12.14
N GLY C 86 43.18 -7.41 -11.88
CA GLY C 86 42.78 -7.94 -10.58
C GLY C 86 41.28 -8.12 -10.42
N ARG C 87 40.86 -8.60 -9.25
CA ARG C 87 39.44 -8.72 -8.93
C ARG C 87 38.89 -7.34 -8.55
N LEU C 88 37.65 -7.09 -8.97
CA LEU C 88 37.00 -5.80 -8.67
C LEU C 88 36.82 -5.62 -7.18
N GLY C 89 36.98 -4.39 -6.71
CA GLY C 89 36.71 -4.03 -5.32
C GLY C 89 37.67 -4.63 -4.30
N HIS C 90 38.86 -5.00 -4.75
CA HIS C 90 39.91 -5.52 -3.87
C HIS C 90 41.15 -4.64 -4.04
N PRO D 12 -24.76 -42.76 56.49
CA PRO D 12 -25.81 -42.80 55.48
C PRO D 12 -26.50 -41.46 55.23
N GLU D 13 -25.88 -40.36 55.66
CA GLU D 13 -26.37 -39.02 55.34
C GLU D 13 -26.24 -38.76 53.84
N ILE D 14 -25.30 -39.45 53.19
CA ILE D 14 -25.06 -39.31 51.76
C ILE D 14 -26.25 -39.81 50.92
N ASP D 15 -26.79 -40.98 51.27
CA ASP D 15 -27.95 -41.54 50.56
C ASP D 15 -29.15 -40.61 50.69
N THR D 16 -29.36 -40.11 51.92
CA THR D 16 -30.45 -39.16 52.20
C THR D 16 -30.28 -37.87 51.41
N LEU D 17 -29.06 -37.34 51.39
CA LEU D 17 -28.74 -36.11 50.64
C LEU D 17 -28.82 -36.31 49.13
N ARG D 18 -28.35 -37.46 48.64
CA ARG D 18 -28.52 -37.83 47.23
C ARG D 18 -29.99 -38.04 46.88
N GLU D 19 -30.75 -38.58 47.82
CA GLU D 19 -32.20 -38.72 47.66
C GLU D 19 -32.85 -37.36 47.43
N GLU D 20 -32.34 -36.34 48.10
CA GLU D 20 -32.82 -34.96 47.92
C GLU D 20 -32.42 -34.39 46.56
N ILE D 21 -31.16 -34.57 46.17
CA ILE D 21 -30.69 -34.09 44.87
C ILE D 21 -31.53 -34.65 43.71
N ASP D 22 -31.97 -35.91 43.85
CA ASP D 22 -32.82 -36.54 42.83
C ASP D 22 -34.12 -35.78 42.67
N ARG D 23 -34.74 -35.43 43.80
CA ARG D 23 -35.96 -34.63 43.80
C ARG D 23 -35.73 -33.27 43.16
N LEU D 24 -34.64 -32.61 43.55
CA LEU D 24 -34.30 -31.28 43.04
C LEU D 24 -34.05 -31.31 41.52
N ASP D 25 -33.52 -32.42 41.02
CA ASP D 25 -33.27 -32.59 39.59
C ASP D 25 -34.56 -32.84 38.80
N ALA D 26 -35.48 -33.61 39.37
CA ALA D 26 -36.81 -33.81 38.78
C ALA D 26 -37.61 -32.50 38.74
N GLU D 27 -37.45 -31.71 39.81
CA GLU D 27 -38.07 -30.39 39.94
C GLU D 27 -37.50 -29.40 38.91
N ILE D 28 -36.18 -29.35 38.81
CA ILE D 28 -35.50 -28.46 37.85
C ILE D 28 -35.82 -28.84 36.41
N LEU D 29 -35.67 -30.12 36.07
CA LEU D 29 -36.01 -30.62 34.74
C LEU D 29 -37.40 -30.18 34.28
N ALA D 30 -38.40 -30.30 35.17
CA ALA D 30 -39.80 -30.00 34.85
C ALA D 30 -40.07 -28.50 34.64
N LEU D 31 -39.40 -27.65 35.40
CA LEU D 31 -39.50 -26.19 35.23
C LEU D 31 -38.76 -25.70 33.99
N VAL D 32 -37.77 -26.46 33.53
CA VAL D 32 -37.02 -26.11 32.33
C VAL D 32 -37.84 -26.46 31.09
N LYS D 33 -38.49 -27.63 31.12
CA LYS D 33 -39.40 -28.05 30.03
C LYS D 33 -40.54 -27.05 29.86
N ARG D 34 -41.11 -26.64 30.98
CA ARG D 34 -42.17 -25.64 31.02
C ARG D 34 -41.73 -24.32 30.39
N ARG D 35 -40.61 -23.81 30.86
CA ARG D 35 -40.06 -22.52 30.39
C ARG D 35 -39.87 -22.48 28.88
N ALA D 36 -39.42 -23.59 28.31
CA ALA D 36 -39.17 -23.68 26.86
C ALA D 36 -40.47 -23.59 26.04
N GLU D 37 -41.52 -24.22 26.54
CA GLU D 37 -42.85 -24.20 25.90
C GLU D 37 -43.47 -22.80 25.92
N VAL D 38 -43.29 -22.09 27.03
CA VAL D 38 -43.78 -20.72 27.20
C VAL D 38 -42.98 -19.78 26.33
N SER D 39 -41.66 -19.98 26.31
CA SER D 39 -40.74 -19.21 25.46
C SER D 39 -41.12 -19.32 23.99
N LYS D 40 -41.44 -20.54 23.54
CA LYS D 40 -41.90 -20.77 22.17
C LYS D 40 -43.18 -20.01 21.85
N ALA D 41 -44.15 -20.05 22.77
CA ALA D 41 -45.45 -19.38 22.57
C ALA D 41 -45.32 -17.86 22.48
N ILE D 42 -44.37 -17.27 23.20
CA ILE D 42 -44.10 -15.83 23.08
C ILE D 42 -43.50 -15.50 21.72
N GLY D 43 -42.61 -16.37 21.23
CA GLY D 43 -41.98 -16.21 19.92
C GLY D 43 -42.94 -16.36 18.74
N LYS D 44 -43.86 -17.32 18.85
CA LYS D 44 -44.85 -17.58 17.80
C LYS D 44 -45.90 -16.47 17.70
N ALA D 45 -46.29 -15.91 18.84
CA ALA D 45 -47.27 -14.81 18.88
C ALA D 45 -46.69 -13.55 18.25
N ARG D 46 -45.47 -13.21 18.64
CA ARG D 46 -44.78 -12.02 18.11
C ARG D 46 -44.54 -12.13 16.61
N MET D 47 -44.23 -13.33 16.13
CA MET D 47 -43.89 -13.54 14.72
C MET D 47 -45.11 -13.54 13.80
N ALA D 48 -46.21 -14.12 14.26
CA ALA D 48 -47.47 -14.10 13.50
C ALA D 48 -47.99 -12.67 13.36
N SER D 49 -47.61 -11.82 14.32
CA SER D 49 -47.99 -10.42 14.36
C SER D 49 -46.98 -9.51 13.66
N GLY D 50 -46.00 -10.10 12.97
CA GLY D 50 -45.04 -9.36 12.17
C GLY D 50 -43.78 -8.91 12.89
N GLY D 51 -43.56 -9.43 14.09
CA GLY D 51 -42.39 -9.04 14.91
C GLY D 51 -41.21 -9.99 14.77
N THR D 52 -40.10 -9.64 15.42
CA THR D 52 -38.83 -10.39 15.26
C THR D 52 -38.83 -11.71 16.05
N ARG D 53 -37.86 -12.55 15.73
CA ARG D 53 -37.74 -13.87 16.37
C ARG D 53 -37.19 -13.71 17.80
N LEU D 54 -36.14 -12.90 17.92
CA LEU D 54 -35.45 -12.65 19.16
C LEU D 54 -35.62 -11.19 19.58
N VAL D 55 -35.53 -10.95 20.89
CA VAL D 55 -35.50 -9.59 21.44
C VAL D 55 -34.25 -9.46 22.31
N HIS D 56 -33.27 -8.72 21.79
CA HIS D 56 -31.95 -8.62 22.37
C HIS D 56 -31.98 -8.12 23.82
N SER D 57 -32.72 -7.05 24.08
CA SER D 57 -32.79 -6.45 25.42
C SER D 57 -33.40 -7.38 26.47
N ARG D 58 -34.36 -8.20 26.05
CA ARG D 58 -35.02 -9.16 26.94
C ARG D 58 -34.11 -10.34 27.30
N GLU D 59 -33.31 -10.80 26.33
CA GLU D 59 -32.33 -11.84 26.57
C GLU D 59 -31.25 -11.36 27.55
N MET D 60 -30.96 -10.05 27.54
CA MET D 60 -30.02 -9.45 28.50
C MET D 60 -30.58 -9.43 29.93
N LYS D 61 -31.89 -9.20 30.06
CA LYS D 61 -32.58 -9.30 31.36
C LYS D 61 -32.50 -10.72 31.90
N VAL D 62 -32.80 -11.70 31.06
CA VAL D 62 -32.72 -13.13 31.41
C VAL D 62 -31.30 -13.53 31.86
N ILE D 63 -30.28 -13.11 31.12
CA ILE D 63 -28.89 -13.39 31.51
C ILE D 63 -28.57 -12.76 32.89
N GLU D 64 -28.95 -11.50 33.05
CA GLU D 64 -28.66 -10.73 34.26
C GLU D 64 -29.24 -11.33 35.54
N ARG D 65 -30.42 -11.94 35.44
CA ARG D 65 -31.11 -12.48 36.61
C ARG D 65 -30.65 -13.88 37.07
N TYR D 66 -29.65 -14.44 36.39
CA TYR D 66 -28.95 -15.64 36.86
C TYR D 66 -27.52 -15.32 37.34
N SER D 67 -27.18 -14.04 37.41
CA SER D 67 -25.83 -13.60 37.81
C SER D 67 -25.45 -13.94 39.26
N GLU D 68 -26.46 -14.16 40.10
CA GLU D 68 -26.24 -14.56 41.50
C GLU D 68 -25.61 -15.95 41.63
N LEU D 69 -25.63 -16.73 40.55
CA LEU D 69 -24.97 -18.03 40.52
C LEU D 69 -23.47 -17.91 40.28
N GLY D 70 -23.01 -16.71 39.91
CA GLY D 70 -21.59 -16.47 39.64
C GLY D 70 -21.30 -16.47 38.14
N PRO D 71 -20.06 -16.86 37.75
CA PRO D 71 -19.64 -16.92 36.34
C PRO D 71 -20.45 -17.86 35.44
N ASP D 72 -20.89 -19.01 35.99
CA ASP D 72 -21.69 -19.98 35.23
C ASP D 72 -23.15 -19.58 35.05
N GLY D 73 -23.60 -18.55 35.77
CA GLY D 73 -24.98 -18.08 35.69
C GLY D 73 -25.45 -17.69 34.29
N LYS D 74 -24.62 -16.93 33.58
CA LYS D 74 -24.93 -16.48 32.22
C LYS D 74 -25.01 -17.64 31.23
N ASP D 75 -24.21 -18.67 31.48
CA ASP D 75 -24.20 -19.85 30.63
C ASP D 75 -25.43 -20.73 30.85
N LEU D 76 -25.98 -20.72 32.06
CA LEU D 76 -27.28 -21.36 32.33
C LEU D 76 -28.40 -20.60 31.63
N ALA D 77 -28.39 -19.27 31.72
CA ALA D 77 -29.39 -18.43 31.04
C ALA D 77 -29.34 -18.60 29.53
N ILE D 78 -28.15 -18.60 28.96
CA ILE D 78 -27.99 -18.73 27.51
C ILE D 78 -28.48 -20.09 27.04
N LEU D 79 -28.27 -21.11 27.86
CA LEU D 79 -28.75 -22.46 27.60
C LEU D 79 -30.29 -22.53 27.67
N LEU D 80 -30.90 -21.83 28.64
CA LEU D 80 -32.36 -21.72 28.70
C LEU D 80 -32.92 -20.98 27.48
N LEU D 81 -32.22 -19.93 27.03
CA LEU D 81 -32.63 -19.18 25.82
C LEU D 81 -32.61 -20.06 24.57
N ARG D 82 -31.61 -20.94 24.46
CA ARG D 82 -31.51 -21.87 23.33
C ARG D 82 -32.63 -22.90 23.31
N LEU D 83 -33.02 -23.38 24.49
CA LEU D 83 -34.14 -24.32 24.63
C LEU D 83 -35.48 -23.68 24.28
N GLY D 84 -35.59 -22.36 24.49
CA GLY D 84 -36.79 -21.60 24.16
C GLY D 84 -36.90 -21.16 22.70
N ARG D 85 -35.95 -20.35 22.24
CA ARG D 85 -35.98 -19.80 20.87
C ARG D 85 -35.04 -20.52 19.90
N GLY D 86 -34.44 -21.63 20.32
CA GLY D 86 -33.58 -22.41 19.43
C GLY D 86 -32.20 -21.81 19.19
N ARG D 87 -31.42 -22.49 18.37
CA ARG D 87 -30.09 -22.02 17.97
C ARG D 87 -30.27 -20.99 16.87
N LEU D 88 -29.32 -20.07 16.76
CA LEU D 88 -29.41 -18.97 15.80
C LEU D 88 -29.12 -19.47 14.39
N GLY D 89 -29.77 -18.87 13.39
CA GLY D 89 -29.58 -19.27 11.98
C GLY D 89 -30.06 -20.69 11.62
N HIS D 90 -30.94 -21.24 12.46
CA HIS D 90 -31.58 -22.52 12.20
C HIS D 90 -33.10 -22.33 12.31
MN MN E . 20.82 14.23 -8.26
S SO4 F . 24.36 16.33 -2.84
O1 SO4 F . 25.18 15.26 -2.29
O2 SO4 F . 23.29 15.70 -3.61
O3 SO4 F . 23.78 17.14 -1.76
O4 SO4 F . 25.14 17.16 -3.75
C1 CE1 G . -6.02 13.31 1.70
C2 CE1 G . -5.94 13.79 0.25
C3 CE1 G . -5.42 15.23 0.12
C4 CE1 G . -6.40 16.12 -0.66
C5 CE1 G . -5.71 16.92 -1.79
C6 CE1 G . -6.73 17.81 -2.53
C7 CE1 G . -6.16 18.59 -3.73
C8 CE1 G . -5.02 17.83 -4.46
C9 CE1 G . -5.53 16.98 -5.62
C10 CE1 G . -4.67 17.17 -6.89
C11 CE1 G . -3.53 16.15 -6.97
C12 CE1 G . -3.96 14.82 -7.63
O13 CE1 G . -2.90 14.16 -8.39
C14 CE1 G . -2.60 14.84 -9.67
C15 CE1 G . -1.65 16.07 -9.50
O16 CE1 G . -0.41 16.12 -10.26
C17 CE1 G . -0.61 15.85 -11.67
C18 CE1 G . 0.28 14.71 -12.15
O19 CE1 G . 0.66 13.77 -11.10
C20 CE1 G . -0.08 12.52 -11.16
C21 CE1 G . 0.46 11.60 -12.24
O22 CE1 G . -0.25 11.81 -13.46
C23 CE1 G . 0.63 11.86 -14.60
C24 CE1 G . 0.37 13.10 -15.47
O25 CE1 G . 1.16 12.98 -16.68
O1 PG4 H . 8.65 18.28 -16.50
C1 PG4 H . 8.15 18.61 -15.20
C2 PG4 H . 6.66 18.26 -15.14
O2 PG4 H . 6.23 17.91 -13.82
C3 PG4 H . 4.85 18.17 -13.47
C4 PG4 H . 4.03 18.98 -14.46
O3 PG4 H . 2.86 19.41 -13.77
C5 PG4 H . 2.51 20.76 -14.08
C6 PG4 H . 3.45 21.78 -13.43
O4 PG4 H . 4.36 21.15 -12.53
C7 PG4 H . 5.67 21.74 -12.59
C8 PG4 H . 6.63 20.92 -13.42
O5 PG4 H . 7.99 21.25 -13.14
C1 GOL I . 16.22 31.91 -6.73
O1 GOL I . 15.59 33.17 -6.57
C2 GOL I . 16.23 31.11 -5.42
O2 GOL I . 15.12 31.43 -4.61
C3 GOL I . 16.16 29.63 -5.74
O3 GOL I . 17.08 28.90 -4.95
S SO4 J . -29.26 -0.01 -2.24
O1 SO4 J . -29.35 -1.44 -1.96
O2 SO4 J . -30.53 0.64 -1.95
O3 SO4 J . -28.22 0.54 -1.37
O4 SO4 J . -28.90 0.20 -3.63
S SO4 K . -13.07 6.69 -22.49
O1 SO4 K . -11.97 5.77 -22.68
O2 SO4 K . -14.28 6.24 -23.15
O3 SO4 K . -13.41 6.79 -21.08
O4 SO4 K . -12.62 7.97 -23.02
MN MN L . -26.12 3.15 3.03
C1 GOL M . -32.49 8.33 0.72
O1 GOL M . -31.51 7.39 0.32
C2 GOL M . -32.76 9.29 -0.43
O2 GOL M . -32.82 8.60 -1.66
C3 GOL M . -34.09 10.00 -0.27
O3 GOL M . -34.33 10.72 -1.46
C1 GOL N . -9.40 5.20 -27.63
O1 GOL N . -8.47 5.95 -28.38
C2 GOL N . -9.31 3.70 -27.91
O2 GOL N . -8.07 3.38 -27.36
C3 GOL N . -9.40 3.33 -29.40
O3 GOL N . -9.34 1.94 -29.72
C1 TSA O . 43.19 -4.37 -19.70
C2 TSA O . 41.99 -3.93 -20.50
C3 TSA O . 41.16 -2.97 -20.09
C4 TSA O . 41.35 -2.21 -18.77
O5 TSA O . 40.18 -2.37 -17.95
C5 TSA O . 42.60 -2.68 -18.01
C6 TSA O . 42.87 -4.16 -18.23
O7 TSA O . 43.76 -1.89 -18.38
C8 TSA O . 44.42 -2.10 -19.66
C9 TSA O . 44.46 -3.58 -20.05
C10 TSA O . 43.55 -5.81 -20.02
O1 TSA O . 43.47 -6.18 -21.22
O2 TSA O . 43.94 -6.56 -19.09
C11 TSA O . 43.83 -1.30 -20.81
O3 TSA O . 43.07 -0.35 -20.56
O4 TSA O . 44.09 -1.61 -21.99
C1 TSA P . -37.15 -15.56 25.28
C2 TSA P . -36.57 -14.18 25.58
C3 TSA P . -36.29 -13.28 24.64
C4 TSA P . -36.55 -13.54 23.15
O5 TSA P . -35.32 -13.45 22.42
C5 TSA P . -37.21 -14.89 22.91
C6 TSA P . -36.69 -15.95 23.88
O7 TSA P . -38.66 -14.75 22.97
C8 TSA P . -39.33 -14.69 24.25
C9 TSA P . -38.67 -15.61 25.29
C10 TSA P . -36.72 -16.55 26.35
O1 TSA P . -36.43 -17.72 26.03
O2 TSA P . -36.74 -16.16 27.54
C11 TSA P . -39.45 -13.29 24.83
O3 TSA P . -39.30 -12.30 24.08
O4 TSA P . -39.67 -13.17 26.07
#